data_5BRE
#
_entry.id   5BRE
#
_cell.length_a   68.673
_cell.length_b   79.047
_cell.length_c   76.445
_cell.angle_alpha   90.000
_cell.angle_beta   94.740
_cell.angle_gamma   90.000
#
_symmetry.space_group_name_H-M   'P 1 21 1'
#
loop_
_entity.id
_entity.type
_entity.pdbx_description
1 polymer 'Glucokinase 1, putative'
2 non-polymer 2-{[(benzyloxy)carbonyl]amino}-2-deoxy-beta-D-glucopyranose
3 water water
#
_entity_poly.entity_id   1
_entity_poly.type   'polypeptide(L)'
_entity_poly.pdbx_seq_one_letter_code
;MGRGSHHHHHHGMAMNIKELSLHELCEELKTPAWNVPLTFVGDVGGTSARMGFVREGKNDSVHACVTRYSMKRKDITELI
EFFNEIIELMPASVIKRVKAGVINVPGPVTGGAVGGPFNNLKGIARLSDYPKALFPPGRSAILNDLEAGGFGVLAVSDAH
VFSEYFGVMWEGTQWRTCEQEPAGSVIGRGRCLVLAPGTGLGSSLIYYNPMNQQHIVVPLELGSQTIPMRKDIDYIQTLH
AELKLLPNYENMVSGAGLEFHYRQVVRGSRPPCSAGEIAKLASEGDANACKAMKKYHEYLMRVGSEASMALLPLTIVLVG
DNIVNNAFFYRNPQNLKEMHREALNHEMERFGFQSRVTYLRQKKLLNLNLMGCYRCGLDLS
;
_entity_poly.pdbx_strand_id   A,B
#
loop_
_chem_comp.id
_chem_comp.type
_chem_comp.name
_chem_comp.formula
4UZ D-saccharide, beta linking 2-{[(benzyloxy)carbonyl]amino}-2-deoxy-beta-D-glucopyranose 'C14 H19 N O7'
#
# COMPACT_ATOMS: atom_id res chain seq x y z
N MET A 15 -19.39 -19.03 -13.11
CA MET A 15 -19.41 -17.83 -12.27
C MET A 15 -20.80 -17.57 -11.66
N ASN A 16 -21.18 -18.35 -10.64
CA ASN A 16 -22.53 -18.23 -10.07
C ASN A 16 -22.78 -18.82 -8.68
N ILE A 17 -23.68 -18.18 -7.94
CA ILE A 17 -23.95 -18.43 -6.54
C ILE A 17 -25.45 -18.49 -6.32
N LYS A 18 -25.93 -19.51 -5.60
CA LYS A 18 -27.35 -19.63 -5.29
C LYS A 18 -27.59 -19.48 -3.80
N GLU A 19 -28.40 -18.50 -3.43
CA GLU A 19 -28.69 -18.25 -2.03
C GLU A 19 -29.84 -19.15 -1.59
N LEU A 20 -29.68 -19.79 -0.43
CA LEU A 20 -30.65 -20.77 0.05
C LEU A 20 -30.95 -20.58 1.54
N SER A 21 -32.01 -21.22 2.02
CA SER A 21 -32.24 -21.33 3.46
C SER A 21 -31.37 -22.49 3.93
N LEU A 22 -31.17 -22.58 5.24
CA LEU A 22 -30.28 -23.58 5.82
C LEU A 22 -30.71 -25.01 5.47
N HIS A 23 -32.02 -25.23 5.40
CA HIS A 23 -32.57 -26.56 5.12
C HIS A 23 -32.39 -26.96 3.65
N GLU A 24 -32.80 -26.10 2.73
CA GLU A 24 -32.63 -26.41 1.29
C GLU A 24 -31.15 -26.54 0.92
N LEU A 25 -30.29 -25.87 1.67
CA LEU A 25 -28.84 -26.02 1.55
C LEU A 25 -28.41 -27.47 1.79
N CYS A 26 -28.87 -28.03 2.90
CA CYS A 26 -28.57 -29.41 3.27
C CYS A 26 -29.04 -30.39 2.19
N GLU A 27 -30.25 -30.14 1.66
CA GLU A 27 -30.80 -30.97 0.59
C GLU A 27 -29.90 -30.91 -0.64
N GLU A 28 -29.56 -29.69 -1.05
CA GLU A 28 -28.72 -29.47 -2.24
C GLU A 28 -27.37 -30.16 -2.10
N LEU A 29 -26.83 -30.15 -0.89
CA LEU A 29 -25.48 -30.66 -0.63
C LEU A 29 -25.35 -32.17 -0.71
N LYS A 30 -26.39 -32.85 -1.19
CA LYS A 30 -26.38 -34.30 -1.30
C LYS A 30 -26.55 -34.74 -2.73
N THR A 31 -26.82 -33.78 -3.62
CA THR A 31 -26.93 -34.07 -5.06
C THR A 31 -25.60 -34.62 -5.61
N PRO A 32 -25.64 -35.39 -6.71
CA PRO A 32 -24.39 -35.97 -7.24
C PRO A 32 -23.43 -34.91 -7.78
N ALA A 33 -23.93 -33.73 -8.12
CA ALA A 33 -23.10 -32.63 -8.59
C ALA A 33 -22.17 -32.09 -7.48
N TRP A 34 -22.58 -32.26 -6.22
CA TRP A 34 -21.84 -31.75 -5.07
C TRP A 34 -21.08 -32.86 -4.35
N ASN A 35 -20.46 -33.74 -5.12
CA ASN A 35 -19.64 -34.82 -4.58
C ASN A 35 -18.15 -34.50 -4.60
N VAL A 36 -17.78 -33.51 -5.41
CA VAL A 36 -16.41 -32.99 -5.50
C VAL A 36 -15.95 -32.39 -4.15
N PRO A 37 -14.62 -32.26 -3.92
CA PRO A 37 -14.13 -31.63 -2.68
C PRO A 37 -14.66 -30.20 -2.55
N LEU A 38 -14.85 -29.72 -1.33
CA LEU A 38 -15.53 -28.45 -1.11
C LEU A 38 -14.74 -27.42 -0.31
N THR A 39 -15.02 -26.14 -0.56
CA THR A 39 -14.47 -25.06 0.25
C THR A 39 -15.57 -24.39 1.07
N PHE A 40 -15.38 -24.32 2.38
CA PHE A 40 -16.28 -23.55 3.24
C PHE A 40 -15.95 -22.06 3.14
N VAL A 41 -16.93 -21.25 2.72
CA VAL A 41 -16.73 -19.81 2.63
C VAL A 41 -17.79 -19.08 3.44
N GLY A 42 -17.43 -17.87 3.89
CA GLY A 42 -18.36 -17.01 4.61
C GLY A 42 -18.10 -15.54 4.38
N ASP A 43 -19.10 -14.83 3.86
CA ASP A 43 -19.03 -13.38 3.67
C ASP A 43 -19.74 -12.72 4.83
N VAL A 44 -19.00 -12.31 5.86
CA VAL A 44 -19.60 -11.71 7.05
C VAL A 44 -19.63 -10.19 6.96
N GLY A 45 -20.80 -9.60 7.22
CA GLY A 45 -20.94 -8.15 7.29
C GLY A 45 -21.40 -7.71 8.68
N GLY A 46 -21.56 -6.41 8.86
CA GLY A 46 -22.07 -5.88 10.12
C GLY A 46 -23.55 -6.11 10.34
N THR A 47 -24.29 -6.43 9.28
CA THR A 47 -25.74 -6.72 9.39
C THR A 47 -26.06 -8.22 9.24
N SER A 48 -25.48 -8.85 8.23
CA SER A 48 -25.73 -10.26 7.97
C SER A 48 -24.46 -10.99 7.56
N ALA A 49 -24.51 -12.32 7.58
CA ALA A 49 -23.40 -13.16 7.09
C ALA A 49 -23.94 -14.13 6.05
N ARG A 50 -23.09 -14.56 5.12
CA ARG A 50 -23.50 -15.53 4.12
C ARG A 50 -22.50 -16.66 4.10
N MET A 51 -22.91 -17.81 4.60
CA MET A 51 -21.99 -18.93 4.67
C MET A 51 -22.50 -20.08 3.85
N GLY A 52 -21.57 -20.93 3.39
CA GLY A 52 -21.90 -22.04 2.52
C GLY A 52 -20.67 -22.72 1.95
N PHE A 53 -20.83 -23.30 0.75
CA PHE A 53 -19.79 -24.12 0.15
C PHE A 53 -19.63 -23.81 -1.32
N VAL A 54 -18.38 -23.88 -1.79
CA VAL A 54 -18.07 -23.57 -3.18
C VAL A 54 -17.38 -24.77 -3.79
N ARG A 55 -17.64 -24.98 -5.08
CA ARG A 55 -17.01 -26.04 -5.86
C ARG A 55 -16.84 -25.57 -7.30
N GLU A 56 -15.82 -26.09 -7.97
CA GLU A 56 -15.79 -26.01 -9.42
C GLU A 56 -16.50 -27.27 -9.89
N GLY A 57 -17.33 -27.12 -10.92
CA GLY A 57 -18.00 -28.27 -11.50
C GLY A 57 -17.27 -28.77 -12.72
N LYS A 58 -17.63 -28.23 -13.87
CA LYS A 58 -16.92 -28.50 -15.11
C LYS A 58 -16.79 -27.21 -15.91
N ASN A 59 -15.83 -27.19 -16.82
CA ASN A 59 -15.67 -26.06 -17.73
C ASN A 59 -15.29 -24.76 -17.02
N ASP A 60 -14.36 -24.86 -16.07
CA ASP A 60 -13.80 -23.69 -15.36
C ASP A 60 -14.86 -22.82 -14.68
N SER A 61 -15.95 -23.46 -14.27
CA SER A 61 -17.10 -22.75 -13.71
C SER A 61 -17.09 -22.80 -12.20
N VAL A 62 -17.43 -21.67 -11.58
CA VAL A 62 -17.49 -21.62 -10.12
C VAL A 62 -18.92 -21.70 -9.62
N HIS A 63 -19.18 -22.70 -8.77
CA HIS A 63 -20.52 -22.90 -8.22
C HIS A 63 -20.55 -22.91 -6.68
N ALA A 64 -21.34 -22.01 -6.10
CA ALA A 64 -21.55 -21.99 -4.66
C ALA A 64 -23.02 -21.96 -4.27
N CYS A 65 -23.36 -22.57 -3.14
CA CYS A 65 -24.63 -22.31 -2.50
C CYS A 65 -24.40 -21.99 -1.03
N VAL A 66 -24.97 -20.86 -0.60
CA VAL A 66 -24.78 -20.35 0.74
C VAL A 66 -26.12 -20.10 1.41
N THR A 67 -26.09 -19.85 2.71
CA THR A 67 -27.29 -19.41 3.42
C THR A 67 -27.04 -18.17 4.28
N ARG A 68 -28.04 -17.29 4.34
CA ARG A 68 -27.93 -16.04 5.09
C ARG A 68 -28.18 -16.23 6.59
N TYR A 69 -27.36 -15.57 7.41
CA TYR A 69 -27.57 -15.51 8.85
C TYR A 69 -27.59 -14.05 9.25
N SER A 70 -28.41 -13.69 10.23
CA SER A 70 -28.44 -12.30 10.70
C SER A 70 -27.45 -12.04 11.84
N MET A 71 -26.64 -10.99 11.70
CA MET A 71 -25.78 -10.58 12.81
C MET A 71 -26.67 -9.88 13.82
N LYS A 72 -27.43 -10.68 14.57
CA LYS A 72 -28.46 -10.17 15.47
C LYS A 72 -27.86 -9.54 16.70
N ARG A 73 -27.04 -10.30 17.41
CA ARG A 73 -26.34 -9.76 18.58
C ARG A 73 -25.36 -8.63 18.22
N LYS A 74 -25.07 -8.49 16.92
CA LYS A 74 -24.06 -7.55 16.44
C LYS A 74 -22.72 -7.82 17.14
N ASP A 75 -22.31 -9.06 17.09
CA ASP A 75 -21.19 -9.52 17.89
C ASP A 75 -20.44 -10.59 17.11
N ILE A 76 -19.21 -10.27 16.72
CA ILE A 76 -18.43 -11.11 15.79
C ILE A 76 -18.33 -12.58 16.21
N THR A 77 -18.42 -12.84 17.51
CA THR A 77 -18.28 -14.21 18.05
C THR A 77 -19.50 -15.10 17.78
N GLU A 78 -20.62 -14.48 17.41
CA GLU A 78 -21.83 -15.21 17.07
C GLU A 78 -21.59 -16.17 15.90
N LEU A 79 -20.54 -15.91 15.14
CA LEU A 79 -20.15 -16.76 14.01
C LEU A 79 -19.80 -18.18 14.47
N ILE A 80 -19.19 -18.27 15.66
CA ILE A 80 -18.85 -19.56 16.25
C ILE A 80 -20.12 -20.41 16.37
N GLU A 81 -21.19 -19.79 16.86
CA GLU A 81 -22.47 -20.47 17.01
C GLU A 81 -22.96 -21.02 15.67
N PHE A 82 -23.04 -20.16 14.65
CA PHE A 82 -23.47 -20.54 13.31
C PHE A 82 -22.69 -21.72 12.75
N PHE A 83 -21.39 -21.72 13.00
CA PHE A 83 -20.48 -22.76 12.51
C PHE A 83 -20.90 -24.12 13.05
N ASN A 84 -21.16 -24.16 14.35
CA ASN A 84 -21.67 -25.35 15.01
C ASN A 84 -23.00 -25.80 14.41
N GLU A 85 -23.94 -24.86 14.34
CA GLU A 85 -25.28 -25.09 13.79
C GLU A 85 -25.24 -25.69 12.38
N ILE A 86 -24.16 -25.42 11.65
CA ILE A 86 -23.98 -25.99 10.31
C ILE A 86 -23.52 -27.45 10.34
N ILE A 87 -22.49 -27.74 11.13
CA ILE A 87 -21.88 -29.08 11.15
C ILE A 87 -22.85 -30.13 11.67
N GLU A 88 -23.56 -29.79 12.75
CA GLU A 88 -24.60 -30.64 13.34
C GLU A 88 -25.65 -30.99 12.30
N LEU A 89 -26.27 -29.94 11.75
CA LEU A 89 -27.41 -30.06 10.85
C LEU A 89 -27.05 -30.41 9.40
N MET A 90 -25.93 -31.11 9.22
CA MET A 90 -25.42 -31.41 7.88
C MET A 90 -24.71 -32.76 7.90
N PRO A 91 -24.96 -33.58 6.86
CA PRO A 91 -24.30 -34.89 6.73
C PRO A 91 -22.78 -34.74 6.77
N ALA A 92 -22.11 -35.56 7.57
CA ALA A 92 -20.65 -35.50 7.65
C ALA A 92 -20.00 -36.25 6.48
N SER A 93 -20.84 -36.73 5.55
CA SER A 93 -20.37 -37.26 4.28
C SER A 93 -20.18 -36.10 3.31
N VAL A 94 -20.34 -34.89 3.84
CA VAL A 94 -20.13 -33.66 3.10
C VAL A 94 -19.09 -32.83 3.86
N ILE A 95 -19.27 -32.71 5.17
CA ILE A 95 -18.32 -32.05 6.06
C ILE A 95 -16.89 -32.62 5.95
N LYS A 96 -16.77 -33.85 5.44
CA LYS A 96 -15.46 -34.46 5.22
C LYS A 96 -14.83 -34.03 3.90
N ARG A 97 -15.65 -33.66 2.92
CA ARG A 97 -15.14 -33.17 1.62
C ARG A 97 -14.62 -31.72 1.67
N VAL A 98 -14.36 -31.22 2.88
CA VAL A 98 -13.93 -29.84 3.05
C VAL A 98 -12.42 -29.67 2.95
N LYS A 99 -11.97 -29.25 1.78
CA LYS A 99 -10.58 -28.83 1.57
C LYS A 99 -10.19 -27.68 2.49
N ALA A 100 -10.85 -26.54 2.32
CA ALA A 100 -10.42 -25.32 2.98
C ALA A 100 -11.58 -24.50 3.58
N GLY A 101 -11.28 -23.75 4.63
CA GLY A 101 -12.23 -22.79 5.19
C GLY A 101 -11.73 -21.35 5.17
N VAL A 102 -12.45 -20.48 4.45
CA VAL A 102 -12.05 -19.08 4.40
C VAL A 102 -13.23 -18.16 4.66
N ILE A 103 -13.13 -17.29 5.65
CA ILE A 103 -14.15 -16.25 5.82
C ILE A 103 -13.58 -14.85 5.75
N ASN A 104 -14.40 -13.91 5.31
CA ASN A 104 -14.06 -12.50 5.47
C ASN A 104 -14.91 -11.77 6.51
N VAL A 105 -14.31 -10.79 7.17
CA VAL A 105 -14.99 -9.96 8.17
C VAL A 105 -14.76 -8.47 7.92
N PRO A 106 -15.68 -7.61 8.39
CA PRO A 106 -15.60 -6.19 8.01
C PRO A 106 -14.65 -5.38 8.90
N GLY A 107 -13.39 -5.81 8.97
CA GLY A 107 -12.40 -5.09 9.75
C GLY A 107 -10.95 -5.48 9.46
N PRO A 108 -10.01 -4.82 10.15
CA PRO A 108 -8.60 -5.17 9.99
C PRO A 108 -8.34 -6.60 10.49
N VAL A 109 -7.66 -7.40 9.67
CA VAL A 109 -7.29 -8.75 10.08
C VAL A 109 -5.78 -8.88 10.17
N THR A 110 -5.31 -9.34 11.31
CA THR A 110 -3.90 -9.63 11.49
C THR A 110 -3.66 -11.13 11.27
N GLY A 111 -2.52 -11.47 10.68
CA GLY A 111 -2.09 -12.85 10.49
C GLY A 111 -3.03 -13.80 9.76
N GLY A 112 -4.19 -13.32 9.36
CA GLY A 112 -5.16 -14.16 8.69
C GLY A 112 -5.90 -15.00 9.71
N ALA A 113 -5.82 -14.59 10.98
CA ALA A 113 -6.29 -15.44 12.07
C ALA A 113 -6.93 -14.67 13.20
N VAL A 114 -6.76 -13.36 13.20
CA VAL A 114 -7.34 -12.49 14.23
C VAL A 114 -7.98 -11.23 13.62
N GLY A 115 -9.28 -11.04 13.83
CA GLY A 115 -9.95 -9.89 13.25
C GLY A 115 -10.61 -8.94 14.23
N GLY A 116 -10.38 -7.64 14.04
CA GLY A 116 -10.88 -6.63 14.97
C GLY A 116 -9.86 -5.52 15.19
N PRO A 117 -10.27 -4.43 15.86
CA PRO A 117 -11.62 -4.12 16.36
C PRO A 117 -12.58 -3.68 15.24
N PHE A 118 -13.88 -3.77 15.49
CA PHE A 118 -14.84 -3.39 14.46
C PHE A 118 -15.61 -2.12 14.81
N ASN A 119 -16.06 -1.43 13.77
CA ASN A 119 -16.87 -0.25 13.95
C ASN A 119 -18.35 -0.62 14.02
N ASN A 120 -18.69 -1.74 13.39
CA ASN A 120 -20.06 -2.29 13.36
C ASN A 120 -20.34 -3.24 14.51
N LEU A 121 -19.34 -4.01 14.92
CA LEU A 121 -19.55 -5.10 15.85
C LEU A 121 -18.68 -4.97 17.08
N LYS A 122 -18.66 -6.03 17.89
CA LYS A 122 -17.81 -6.07 19.07
C LYS A 122 -17.22 -7.47 19.14
N GLY A 123 -16.12 -7.62 19.87
CA GLY A 123 -15.44 -8.90 19.97
C GLY A 123 -14.36 -9.04 18.92
N ILE A 124 -13.69 -10.19 18.93
CA ILE A 124 -12.57 -10.41 18.02
C ILE A 124 -12.74 -11.72 17.27
N ALA A 125 -12.54 -11.66 15.95
CA ALA A 125 -12.54 -12.86 15.11
C ALA A 125 -11.27 -13.67 15.34
N ARG A 126 -11.39 -14.88 15.89
CA ARG A 126 -10.22 -15.73 16.14
C ARG A 126 -10.30 -17.08 15.45
N LEU A 127 -9.48 -17.27 14.42
CA LEU A 127 -9.47 -18.53 13.66
C LEU A 127 -9.23 -19.77 14.55
N SER A 128 -8.56 -19.57 15.69
CA SER A 128 -8.25 -20.67 16.63
C SER A 128 -9.51 -21.19 17.33
N ASP A 129 -10.40 -20.25 17.69
CA ASP A 129 -11.68 -20.58 18.31
C ASP A 129 -12.73 -21.04 17.29
N TYR A 130 -12.28 -21.42 16.09
CA TYR A 130 -13.19 -21.94 15.07
C TYR A 130 -13.09 -23.47 14.97
N PRO A 131 -14.21 -24.13 14.62
CA PRO A 131 -14.20 -25.60 14.36
C PRO A 131 -13.26 -25.95 13.23
N LYS A 132 -12.77 -27.19 13.22
CA LYS A 132 -11.72 -27.59 12.28
C LYS A 132 -12.28 -28.50 11.19
N ALA A 133 -13.56 -28.84 11.32
CA ALA A 133 -14.28 -29.57 10.27
C ALA A 133 -14.63 -28.58 9.17
N LEU A 134 -14.88 -27.35 9.59
CA LEU A 134 -15.12 -26.25 8.67
C LEU A 134 -13.80 -25.58 8.29
N PHE A 135 -12.87 -25.56 9.22
CA PHE A 135 -11.58 -24.92 8.97
C PHE A 135 -10.39 -25.87 9.15
N PRO A 136 -10.12 -26.71 8.14
CA PRO A 136 -9.00 -27.66 8.21
C PRO A 136 -7.68 -26.94 8.45
N PRO A 137 -6.83 -27.43 9.37
CA PRO A 137 -5.61 -26.70 9.74
C PRO A 137 -4.66 -26.54 8.54
N GLY A 138 -4.04 -25.37 8.42
CA GLY A 138 -3.13 -25.09 7.33
C GLY A 138 -3.83 -24.77 6.01
N ARG A 139 -5.15 -24.86 5.99
CA ARG A 139 -5.93 -24.50 4.80
C ARG A 139 -7.08 -23.56 5.15
N SER A 140 -6.84 -22.68 6.12
CA SER A 140 -7.87 -21.81 6.65
C SER A 140 -7.40 -20.39 6.91
N ALA A 141 -8.25 -19.43 6.55
CA ALA A 141 -7.84 -18.04 6.69
C ALA A 141 -9.02 -17.16 7.03
N ILE A 142 -8.75 -16.11 7.76
CA ILE A 142 -9.71 -15.05 7.94
C ILE A 142 -9.22 -13.84 7.11
N LEU A 143 -10.08 -13.35 6.19
CA LEU A 143 -9.73 -12.25 5.31
C LEU A 143 -10.41 -10.98 5.75
N ASN A 144 -9.80 -9.83 5.50
CA ASN A 144 -10.58 -8.60 5.56
C ASN A 144 -11.57 -8.62 4.37
N ASP A 145 -12.76 -8.06 4.53
CA ASP A 145 -13.72 -8.13 3.43
C ASP A 145 -13.18 -7.62 2.10
N LEU A 146 -12.43 -6.52 2.10
CA LEU A 146 -11.94 -5.97 0.85
C LEU A 146 -10.73 -6.73 0.32
N GLU A 147 -10.06 -7.45 1.21
CA GLU A 147 -9.06 -8.41 0.77
C GLU A 147 -9.77 -9.57 0.01
N ALA A 148 -10.87 -10.07 0.58
CA ALA A 148 -11.70 -11.07 -0.12
C ALA A 148 -12.20 -10.53 -1.47
N GLY A 149 -12.68 -9.28 -1.48
CA GLY A 149 -13.11 -8.65 -2.70
C GLY A 149 -12.03 -8.57 -3.76
N GLY A 150 -10.80 -8.22 -3.33
CA GLY A 150 -9.68 -8.15 -4.26
C GLY A 150 -9.46 -9.50 -4.91
N PHE A 151 -9.36 -10.53 -4.07
CA PHE A 151 -9.30 -11.90 -4.56
C PHE A 151 -10.41 -12.18 -5.57
N GLY A 152 -11.64 -11.74 -5.25
CA GLY A 152 -12.76 -11.91 -6.16
C GLY A 152 -12.54 -11.24 -7.51
N VAL A 153 -11.99 -10.03 -7.47
CA VAL A 153 -11.72 -9.30 -8.71
C VAL A 153 -10.80 -10.17 -9.56
N LEU A 154 -9.74 -10.69 -8.93
CA LEU A 154 -8.85 -11.65 -9.58
C LEU A 154 -9.59 -12.89 -10.12
N ALA A 155 -10.60 -13.37 -9.41
CA ALA A 155 -11.36 -14.52 -9.88
C ALA A 155 -12.12 -14.16 -11.16
N VAL A 156 -12.67 -12.96 -11.19
CA VAL A 156 -13.43 -12.55 -12.36
C VAL A 156 -12.51 -12.46 -13.56
N SER A 157 -11.31 -11.92 -13.38
CA SER A 157 -10.35 -11.85 -14.49
C SER A 157 -9.91 -13.22 -15.00
N ASP A 158 -9.52 -14.11 -14.10
CA ASP A 158 -9.12 -15.47 -14.49
C ASP A 158 -10.25 -16.26 -15.16
N ALA A 159 -11.49 -15.84 -14.88
CA ALA A 159 -12.65 -16.48 -15.50
C ALA A 159 -12.99 -15.83 -16.84
N HIS A 160 -12.11 -14.94 -17.31
CA HIS A 160 -12.26 -14.27 -18.61
C HIS A 160 -13.60 -13.55 -18.80
N VAL A 161 -14.06 -12.86 -17.77
CA VAL A 161 -15.43 -12.33 -17.78
C VAL A 161 -15.50 -10.92 -17.16
N PHE A 162 -14.33 -10.30 -17.10
CA PHE A 162 -14.16 -8.97 -16.57
C PHE A 162 -15.13 -7.98 -17.19
N SER A 163 -15.22 -7.99 -18.52
CA SER A 163 -16.04 -7.00 -19.21
C SER A 163 -17.51 -7.19 -18.90
N GLU A 164 -17.88 -8.38 -18.43
CA GLU A 164 -19.27 -8.65 -18.09
C GLU A 164 -19.66 -8.03 -16.75
N TYR A 165 -18.67 -7.81 -15.87
CA TYR A 165 -18.95 -7.29 -14.52
C TYR A 165 -18.41 -5.90 -14.27
N PHE A 166 -17.55 -5.41 -15.15
CA PHE A 166 -16.97 -4.09 -14.93
C PHE A 166 -16.99 -3.23 -16.16
N GLY A 167 -17.47 -2.00 -15.99
CA GLY A 167 -17.38 -1.02 -17.05
C GLY A 167 -16.36 0.08 -16.80
N VAL A 168 -15.69 0.49 -17.87
CA VAL A 168 -14.80 1.65 -17.85
C VAL A 168 -15.62 2.91 -17.61
N MET A 169 -15.12 3.79 -16.74
CA MET A 169 -15.72 5.10 -16.49
C MET A 169 -14.92 6.12 -17.28
N TRP A 170 -13.61 5.87 -17.36
CA TRP A 170 -12.73 6.58 -18.26
C TRP A 170 -11.38 5.90 -18.21
N GLU A 171 -10.67 5.94 -19.35
CA GLU A 171 -9.38 5.29 -19.48
C GLU A 171 -8.28 6.27 -19.12
N GLY A 172 -7.26 5.76 -18.44
CA GLY A 172 -6.09 6.55 -18.15
C GLY A 172 -5.04 6.35 -19.23
N THR A 173 -3.97 7.11 -19.11
CA THR A 173 -2.93 7.22 -20.12
C THR A 173 -2.11 5.95 -20.19
N GLN A 174 -2.04 5.26 -19.05
CA GLN A 174 -1.08 4.18 -18.88
C GLN A 174 -1.60 2.85 -19.41
N TRP A 175 -2.90 2.76 -19.66
CA TRP A 175 -3.48 1.48 -20.08
C TRP A 175 -2.88 0.90 -21.38
N ARG A 176 -2.82 1.72 -22.43
CA ARG A 176 -2.34 1.26 -23.75
C ARG A 176 -0.83 0.96 -23.77
N THR A 177 -0.11 1.40 -22.74
CA THR A 177 1.34 1.17 -22.66
C THR A 177 1.67 -0.16 -21.96
N CYS A 178 0.66 -0.79 -21.37
CA CYS A 178 0.85 -2.05 -20.65
C CYS A 178 0.01 -3.14 -21.30
N GLU A 179 -0.92 -2.73 -22.16
CA GLU A 179 -1.99 -3.60 -22.63
C GLU A 179 -2.41 -3.28 -24.06
N GLN A 180 -2.69 -4.31 -24.87
CA GLN A 180 -3.18 -4.11 -26.24
C GLN A 180 -4.68 -4.25 -26.29
N GLU A 181 -5.20 -5.06 -25.35
CA GLU A 181 -6.63 -5.30 -25.19
C GLU A 181 -7.36 -4.01 -24.80
N PRO A 182 -8.68 -3.95 -25.04
CA PRO A 182 -9.44 -2.76 -24.61
C PRO A 182 -9.46 -2.69 -23.09
N ALA A 183 -9.52 -1.47 -22.54
CA ALA A 183 -9.71 -1.30 -21.11
C ALA A 183 -11.05 -1.92 -20.69
N GLY A 184 -11.03 -2.64 -19.58
CA GLY A 184 -12.24 -3.25 -19.05
C GLY A 184 -12.31 -4.71 -19.37
N SER A 185 -11.42 -5.16 -20.24
CA SER A 185 -11.47 -6.54 -20.73
C SER A 185 -10.68 -7.46 -19.79
N VAL A 186 -9.72 -6.88 -19.10
CA VAL A 186 -8.87 -7.61 -18.16
C VAL A 186 -8.43 -6.71 -17.02
N ILE A 187 -8.03 -7.31 -15.90
CA ILE A 187 -7.57 -6.53 -14.76
C ILE A 187 -6.32 -5.73 -15.10
N GLY A 188 -5.44 -6.31 -15.92
CA GLY A 188 -4.30 -5.59 -16.44
C GLY A 188 -3.01 -5.83 -15.67
N ARG A 189 -1.89 -5.90 -16.38
CA ARG A 189 -0.61 -6.16 -15.72
C ARG A 189 -0.08 -4.92 -14.99
N GLY A 190 -0.86 -4.49 -13.98
CA GLY A 190 -0.53 -3.32 -13.19
C GLY A 190 -1.26 -3.41 -11.87
N ARG A 191 -0.85 -2.59 -10.91
CA ARG A 191 -1.55 -2.50 -9.64
C ARG A 191 -3.00 -2.06 -9.86
N CYS A 192 -3.92 -2.74 -9.17
CA CYS A 192 -5.33 -2.38 -9.22
C CYS A 192 -5.85 -2.08 -7.81
N LEU A 193 -6.26 -0.82 -7.57
CA LEU A 193 -6.80 -0.40 -6.28
C LEU A 193 -8.31 -0.59 -6.25
N VAL A 194 -8.80 -1.32 -5.26
CA VAL A 194 -10.22 -1.65 -5.21
C VAL A 194 -10.86 -0.84 -4.10
N LEU A 195 -11.84 0.00 -4.43
CA LEU A 195 -12.55 0.77 -3.42
C LEU A 195 -14.01 0.28 -3.33
N ALA A 196 -14.54 0.15 -2.12
CA ALA A 196 -15.93 -0.28 -1.94
C ALA A 196 -16.72 0.72 -1.11
N PRO A 197 -17.33 1.71 -1.76
CA PRO A 197 -18.12 2.72 -1.04
C PRO A 197 -19.49 2.19 -0.65
N GLY A 198 -19.63 1.75 0.60
CA GLY A 198 -20.85 1.16 1.07
C GLY A 198 -21.18 1.66 2.45
N THR A 199 -21.63 0.75 3.31
CA THR A 199 -21.91 1.08 4.71
C THR A 199 -20.69 1.79 5.24
N GLY A 200 -19.55 1.11 5.17
CA GLY A 200 -18.26 1.74 5.37
C GLY A 200 -17.57 2.08 4.06
N LEU A 201 -16.28 2.37 4.12
CA LEU A 201 -15.47 2.57 2.92
C LEU A 201 -14.30 1.59 2.93
N GLY A 202 -14.37 0.60 2.05
CA GLY A 202 -13.38 -0.46 2.01
C GLY A 202 -12.35 -0.16 0.94
N SER A 203 -11.11 -0.56 1.20
CA SER A 203 -10.07 -0.38 0.22
C SER A 203 -9.11 -1.58 0.26
N SER A 204 -8.68 -2.03 -0.92
CA SER A 204 -7.54 -2.93 -0.98
C SER A 204 -6.74 -2.66 -2.24
N LEU A 205 -5.45 -2.93 -2.17
CA LEU A 205 -4.58 -2.79 -3.33
C LEU A 205 -4.19 -4.17 -3.86
N ILE A 206 -4.64 -4.49 -5.08
CA ILE A 206 -4.13 -5.68 -5.73
C ILE A 206 -2.79 -5.33 -6.35
N TYR A 207 -1.71 -5.53 -5.59
CA TYR A 207 -0.36 -5.25 -6.08
C TYR A 207 0.01 -6.19 -7.24
N TYR A 208 0.85 -5.69 -8.14
CA TYR A 208 1.31 -6.49 -9.26
C TYR A 208 2.83 -6.54 -9.21
N ASN A 209 3.35 -7.75 -9.12
CA ASN A 209 4.79 -7.91 -9.00
C ASN A 209 5.37 -8.13 -10.38
N PRO A 210 6.11 -7.14 -10.89
CA PRO A 210 6.67 -7.21 -12.24
C PRO A 210 7.78 -8.27 -12.39
N MET A 211 8.41 -8.69 -11.29
CA MET A 211 9.44 -9.73 -11.33
C MET A 211 8.88 -11.05 -11.86
N ASN A 212 7.72 -11.45 -11.33
CA ASN A 212 7.12 -12.73 -11.65
C ASN A 212 5.72 -12.61 -12.25
N GLN A 213 5.28 -11.38 -12.49
CA GLN A 213 3.97 -11.13 -13.10
C GLN A 213 2.81 -11.66 -12.26
N GLN A 214 2.96 -11.60 -10.94
CA GLN A 214 1.93 -12.08 -10.03
C GLN A 214 1.14 -10.95 -9.37
N HIS A 215 -0.17 -11.13 -9.31
CA HIS A 215 -1.02 -10.25 -8.54
C HIS A 215 -1.09 -10.73 -7.11
N ILE A 216 -1.10 -9.80 -6.16
CA ILE A 216 -1.13 -10.08 -4.74
C ILE A 216 -2.00 -9.02 -4.08
N VAL A 217 -2.95 -9.44 -3.27
CA VAL A 217 -3.91 -8.54 -2.65
C VAL A 217 -3.38 -7.97 -1.35
N VAL A 218 -3.29 -6.64 -1.26
CA VAL A 218 -2.84 -6.01 -0.03
C VAL A 218 -3.97 -5.20 0.64
N PRO A 219 -4.46 -5.68 1.80
CA PRO A 219 -5.58 -5.02 2.51
C PRO A 219 -5.17 -3.63 3.00
N LEU A 220 -6.05 -2.64 2.85
CA LEU A 220 -5.74 -1.27 3.20
C LEU A 220 -6.84 -0.72 4.07
N GLU A 221 -6.54 0.33 4.84
CA GLU A 221 -7.56 1.07 5.56
C GLU A 221 -7.56 2.53 5.13
N LEU A 222 -7.71 2.75 3.83
CA LEU A 222 -7.70 4.11 3.27
C LEU A 222 -8.78 5.00 3.87
N GLY A 223 -9.89 4.40 4.28
CA GLY A 223 -11.07 5.13 4.70
C GLY A 223 -10.84 5.85 6.00
N SER A 224 -9.97 5.29 6.83
CA SER A 224 -9.73 5.85 8.15
C SER A 224 -8.66 6.94 8.19
N GLN A 225 -8.07 7.29 7.04
CA GLN A 225 -7.10 8.39 7.02
C GLN A 225 -7.78 9.74 7.12
N THR A 226 -7.13 10.71 7.77
CA THR A 226 -7.63 12.07 7.84
C THR A 226 -7.72 12.71 6.46
N ILE A 227 -8.89 13.27 6.14
CA ILE A 227 -9.07 13.94 4.86
C ILE A 227 -8.17 15.16 4.71
N PRO A 228 -7.35 15.19 3.65
CA PRO A 228 -6.54 16.37 3.36
C PRO A 228 -7.45 17.36 2.65
N MET A 229 -7.11 18.64 2.64
CA MET A 229 -8.07 19.65 2.18
C MET A 229 -7.97 19.91 0.68
N ARG A 230 -9.00 20.55 0.14
CA ARG A 230 -8.82 21.32 -1.08
C ARG A 230 -9.22 22.78 -0.81
N LYS A 231 -10.40 23.15 -1.27
CA LYS A 231 -10.92 24.48 -1.00
C LYS A 231 -12.13 24.31 -0.10
N ASP A 232 -12.13 23.27 0.71
CA ASP A 232 -13.32 22.93 1.45
C ASP A 232 -13.11 22.98 2.95
N ILE A 233 -12.15 23.81 3.38
CA ILE A 233 -11.83 23.99 4.79
C ILE A 233 -13.09 24.16 5.67
N ASP A 234 -14.08 24.94 5.20
CA ASP A 234 -15.28 25.17 5.99
C ASP A 234 -16.17 23.96 6.08
N TYR A 235 -16.26 23.22 4.98
CA TYR A 235 -17.16 22.10 4.91
C TYR A 235 -16.68 20.99 5.84
N ILE A 236 -15.38 20.78 5.83
CA ILE A 236 -14.73 19.84 6.71
C ILE A 236 -14.94 20.28 8.14
N GLN A 237 -14.73 21.58 8.38
CA GLN A 237 -14.84 22.14 9.73
C GLN A 237 -16.23 21.94 10.33
N THR A 238 -17.23 22.04 9.49
CA THR A 238 -18.63 21.81 9.88
C THR A 238 -18.79 20.39 10.40
N LEU A 239 -18.25 19.43 9.66
CA LEU A 239 -18.34 18.03 10.06
C LEU A 239 -17.49 17.74 11.29
N HIS A 240 -16.29 18.29 11.31
CA HIS A 240 -15.41 18.23 12.47
C HIS A 240 -16.22 18.58 13.73
N ALA A 241 -17.02 19.65 13.65
CA ALA A 241 -17.74 20.17 14.82
C ALA A 241 -18.89 19.28 15.25
N GLU A 242 -19.41 18.47 14.34
CA GLU A 242 -20.42 17.47 14.66
C GLU A 242 -19.88 16.19 15.29
N LEU A 243 -18.70 15.76 14.87
CA LEU A 243 -18.22 14.42 15.26
C LEU A 243 -17.29 14.51 16.46
N LYS A 244 -16.79 15.72 16.72
CA LYS A 244 -15.74 15.96 17.71
C LYS A 244 -14.48 15.17 17.33
N LEU A 245 -14.21 15.12 16.03
CA LEU A 245 -13.11 14.35 15.45
C LEU A 245 -12.75 14.95 14.10
N LEU A 246 -11.45 14.99 13.77
CA LEU A 246 -11.03 15.31 12.40
C LEU A 246 -11.66 14.30 11.47
N PRO A 247 -12.46 14.79 10.51
CA PRO A 247 -13.08 13.87 9.56
C PRO A 247 -12.02 13.05 8.82
N ASN A 248 -12.30 11.76 8.67
CA ASN A 248 -11.57 10.94 7.73
C ASN A 248 -12.45 10.69 6.49
N TYR A 249 -11.88 10.12 5.43
CA TYR A 249 -12.62 9.93 4.19
C TYR A 249 -13.96 9.24 4.42
N GLU A 250 -13.95 8.19 5.24
CA GLU A 250 -15.17 7.47 5.51
C GLU A 250 -16.27 8.35 6.11
N ASN A 251 -15.90 9.33 6.93
CA ASN A 251 -16.89 10.28 7.46
C ASN A 251 -17.64 11.00 6.35
N MET A 252 -16.99 11.16 5.19
CA MET A 252 -17.58 11.83 4.05
C MET A 252 -18.15 10.88 3.01
N VAL A 253 -17.57 9.67 2.93
CA VAL A 253 -17.97 8.68 1.96
C VAL A 253 -18.43 7.45 2.72
N SER A 254 -19.74 7.35 2.93
CA SER A 254 -20.35 6.29 3.74
C SER A 254 -21.80 6.66 3.88
N GLY A 255 -22.61 5.74 4.45
CA GLY A 255 -24.01 6.03 4.73
C GLY A 255 -24.19 7.32 5.51
N ALA A 256 -23.43 7.46 6.60
CA ALA A 256 -23.54 8.64 7.43
C ALA A 256 -23.01 9.86 6.69
N GLY A 257 -22.16 9.63 5.70
CA GLY A 257 -21.59 10.75 4.97
C GLY A 257 -22.62 11.29 4.00
N LEU A 258 -23.28 10.40 3.28
CA LEU A 258 -24.32 10.80 2.37
C LEU A 258 -25.40 11.56 3.13
N GLU A 259 -25.72 11.12 4.36
CA GLU A 259 -26.74 11.79 5.17
C GLU A 259 -26.30 13.19 5.52
N PHE A 260 -25.08 13.28 6.01
CA PHE A 260 -24.47 14.57 6.24
C PHE A 260 -24.58 15.52 5.04
N HIS A 261 -24.23 15.02 3.86
CA HIS A 261 -24.22 15.88 2.68
C HIS A 261 -25.62 16.38 2.37
N TYR A 262 -26.62 15.52 2.57
CA TYR A 262 -28.00 15.91 2.38
C TYR A 262 -28.41 17.05 3.34
N ARG A 263 -28.08 16.89 4.62
CA ARG A 263 -28.36 17.94 5.59
C ARG A 263 -27.69 19.28 5.18
N GLN A 264 -26.42 19.25 4.79
CA GLN A 264 -25.79 20.48 4.31
C GLN A 264 -26.49 21.08 3.09
N VAL A 265 -27.08 20.23 2.26
CA VAL A 265 -27.75 20.71 1.05
C VAL A 265 -29.11 21.36 1.33
N VAL A 266 -29.92 20.76 2.19
CA VAL A 266 -31.26 21.28 2.44
C VAL A 266 -31.31 22.51 3.39
N ARG A 267 -30.34 22.61 4.30
CA ARG A 267 -30.30 23.64 5.34
C ARG A 267 -31.50 23.58 6.30
N GLY A 268 -31.80 22.40 6.83
CA GLY A 268 -32.87 22.23 7.81
C GLY A 268 -34.28 22.29 7.24
N SER A 269 -34.39 22.80 6.01
CA SER A 269 -35.67 22.99 5.31
C SER A 269 -36.38 21.70 4.89
N ARG A 270 -35.78 20.56 5.23
CA ARG A 270 -36.42 19.24 5.12
C ARG A 270 -35.93 18.43 6.33
N PRO A 271 -36.76 17.53 6.87
CA PRO A 271 -36.27 16.70 7.97
C PRO A 271 -35.24 15.70 7.41
N PRO A 272 -34.22 15.33 8.21
CA PRO A 272 -33.22 14.34 7.79
C PRO A 272 -33.82 12.98 7.36
N CYS A 273 -33.36 12.43 6.24
CA CYS A 273 -33.77 11.07 5.87
C CYS A 273 -32.53 10.20 5.62
N SER A 274 -32.73 8.89 5.50
CA SER A 274 -31.61 7.93 5.55
C SER A 274 -30.81 7.86 4.25
N ALA A 275 -29.60 7.31 4.32
CA ALA A 275 -28.76 7.11 3.13
C ALA A 275 -29.56 6.48 2.00
N GLY A 276 -30.14 5.31 2.26
CA GLY A 276 -30.92 4.59 1.26
C GLY A 276 -31.98 5.44 0.61
N GLU A 277 -32.76 6.15 1.44
CA GLU A 277 -33.79 7.05 0.98
C GLU A 277 -33.21 8.17 0.12
N ILE A 278 -32.04 8.67 0.49
CA ILE A 278 -31.43 9.75 -0.29
C ILE A 278 -31.09 9.24 -1.68
N ALA A 279 -30.63 7.99 -1.76
CA ALA A 279 -30.27 7.38 -3.05
C ALA A 279 -31.51 7.18 -3.91
N LYS A 280 -32.61 6.75 -3.27
CA LYS A 280 -33.88 6.58 -3.98
C LYS A 280 -34.33 7.91 -4.59
N LEU A 281 -34.31 8.96 -3.78
CA LEU A 281 -34.71 10.29 -4.22
C LEU A 281 -33.91 10.75 -5.42
N ALA A 282 -32.61 10.49 -5.39
CA ALA A 282 -31.75 10.89 -6.49
C ALA A 282 -32.10 10.07 -7.74
N SER A 283 -32.46 8.80 -7.55
CA SER A 283 -32.83 7.95 -8.68
C SER A 283 -34.12 8.46 -9.32
N GLU A 284 -34.93 9.13 -8.49
CA GLU A 284 -36.21 9.71 -8.88
C GLU A 284 -36.07 11.13 -9.43
N GLY A 285 -34.86 11.66 -9.42
CA GLY A 285 -34.58 12.95 -10.03
C GLY A 285 -34.54 14.14 -9.09
N ASP A 286 -34.70 13.89 -7.80
CA ASP A 286 -34.67 14.96 -6.80
C ASP A 286 -33.35 15.74 -6.79
N ALA A 287 -33.42 17.05 -6.96
CA ALA A 287 -32.23 17.87 -7.14
C ALA A 287 -31.34 17.93 -5.89
N ASN A 288 -31.98 17.96 -4.71
CA ASN A 288 -31.28 17.98 -3.43
C ASN A 288 -30.51 16.68 -3.12
N ALA A 289 -31.20 15.55 -3.19
CA ALA A 289 -30.53 14.26 -3.10
C ALA A 289 -29.39 14.17 -4.11
N CYS A 290 -29.68 14.57 -5.35
CA CYS A 290 -28.71 14.44 -6.43
C CYS A 290 -27.45 15.21 -6.10
N LYS A 291 -27.61 16.43 -5.57
CA LYS A 291 -26.45 17.23 -5.14
C LYS A 291 -25.69 16.54 -3.98
N ALA A 292 -26.42 15.80 -3.15
CA ALA A 292 -25.82 15.10 -2.01
C ALA A 292 -24.96 13.95 -2.53
N MET A 293 -25.50 13.24 -3.51
CA MET A 293 -24.76 12.23 -4.24
C MET A 293 -23.49 12.77 -4.88
N LYS A 294 -23.58 13.96 -5.49
CA LYS A 294 -22.41 14.53 -6.15
C LYS A 294 -21.34 14.85 -5.14
N LYS A 295 -21.80 15.26 -3.95
CA LYS A 295 -20.91 15.70 -2.89
C LYS A 295 -20.16 14.50 -2.33
N TYR A 296 -20.92 13.41 -2.10
CA TYR A 296 -20.38 12.12 -1.70
C TYR A 296 -19.28 11.70 -2.68
N HIS A 297 -19.60 11.78 -3.97
CA HIS A 297 -18.66 11.35 -5.01
C HIS A 297 -17.49 12.27 -5.16
N GLU A 298 -17.67 13.54 -4.81
CA GLU A 298 -16.52 14.43 -4.80
C GLU A 298 -15.44 13.90 -3.82
N TYR A 299 -15.85 13.51 -2.62
CA TYR A 299 -14.92 12.93 -1.65
C TYR A 299 -14.45 11.50 -1.98
N LEU A 300 -15.24 10.72 -2.71
CA LEU A 300 -14.74 9.43 -3.14
C LEU A 300 -13.55 9.69 -4.02
N MET A 301 -13.72 10.62 -4.96
CA MET A 301 -12.64 10.92 -5.92
C MET A 301 -11.40 11.51 -5.28
N ARG A 302 -11.54 12.09 -4.09
CA ARG A 302 -10.34 12.50 -3.35
C ARG A 302 -9.53 11.31 -2.80
N VAL A 303 -10.20 10.22 -2.40
CA VAL A 303 -9.49 9.01 -2.01
C VAL A 303 -8.73 8.56 -3.24
N GLY A 304 -9.40 8.61 -4.38
CA GLY A 304 -8.79 8.22 -5.64
C GLY A 304 -7.52 8.98 -5.99
N SER A 305 -7.54 10.30 -5.88
CA SER A 305 -6.44 11.07 -6.41
C SER A 305 -5.26 10.94 -5.47
N GLU A 306 -5.52 10.91 -4.17
CA GLU A 306 -4.43 10.73 -3.25
C GLU A 306 -3.84 9.31 -3.38
N ALA A 307 -4.67 8.28 -3.37
CA ALA A 307 -4.19 6.92 -3.54
C ALA A 307 -3.47 6.70 -4.89
N SER A 308 -3.97 7.35 -5.94
CA SER A 308 -3.28 7.33 -7.25
C SER A 308 -1.84 7.81 -7.16
N MET A 309 -1.59 8.82 -6.32
CA MET A 309 -0.21 9.24 -6.11
C MET A 309 0.55 8.22 -5.29
N ALA A 310 0.10 8.01 -4.06
CA ALA A 310 0.79 7.16 -3.09
C ALA A 310 0.99 5.74 -3.59
N LEU A 311 -0.02 5.17 -4.24
CA LEU A 311 0.04 3.76 -4.58
C LEU A 311 0.28 3.50 -6.07
N LEU A 312 0.14 4.54 -6.90
CA LEU A 312 0.45 4.43 -8.34
C LEU A 312 -0.26 3.24 -8.98
N PRO A 313 -1.59 3.25 -8.99
CA PRO A 313 -2.22 2.06 -9.59
C PRO A 313 -2.38 2.21 -11.11
N LEU A 314 -2.40 1.09 -11.83
CA LEU A 314 -2.83 1.11 -13.22
C LEU A 314 -4.34 1.29 -13.29
N THR A 315 -5.06 0.65 -12.36
CA THR A 315 -6.52 0.77 -12.36
C THR A 315 -7.10 1.11 -10.97
N ILE A 316 -8.21 1.83 -10.95
CA ILE A 316 -9.01 1.96 -9.74
C ILE A 316 -10.37 1.38 -10.08
N VAL A 317 -10.87 0.48 -9.23
CA VAL A 317 -12.17 -0.16 -9.45
C VAL A 317 -13.16 0.02 -8.29
N LEU A 318 -14.36 0.52 -8.62
CA LEU A 318 -15.39 0.74 -7.62
C LEU A 318 -16.30 -0.47 -7.55
N VAL A 319 -16.30 -1.17 -6.43
CA VAL A 319 -17.08 -2.39 -6.32
C VAL A 319 -18.16 -2.28 -5.26
N GLY A 320 -19.16 -3.17 -5.33
CA GLY A 320 -20.22 -3.24 -4.34
C GLY A 320 -21.59 -3.14 -4.97
N ASP A 321 -22.61 -3.62 -4.26
CA ASP A 321 -24.00 -3.51 -4.72
C ASP A 321 -24.48 -2.04 -4.82
N ASN A 322 -24.06 -1.22 -3.88
CA ASN A 322 -24.21 0.24 -3.96
C ASN A 322 -23.82 0.72 -5.34
N ILE A 323 -22.63 0.30 -5.77
CA ILE A 323 -22.08 0.73 -7.05
C ILE A 323 -22.93 0.21 -8.21
N VAL A 324 -23.27 -1.07 -8.18
CA VAL A 324 -24.10 -1.62 -9.24
C VAL A 324 -25.48 -0.96 -9.25
N ASN A 325 -26.14 -0.93 -8.09
CA ASN A 325 -27.46 -0.31 -7.96
C ASN A 325 -27.54 1.19 -8.28
N ASN A 326 -26.50 1.96 -7.97
CA ASN A 326 -26.52 3.39 -8.31
C ASN A 326 -26.14 3.64 -9.76
N ALA A 327 -26.44 2.70 -10.64
CA ALA A 327 -25.97 2.85 -12.02
C ALA A 327 -26.61 4.09 -12.68
N PHE A 328 -27.83 4.45 -12.28
CA PHE A 328 -28.46 5.69 -12.76
C PHE A 328 -27.53 6.89 -12.60
N PHE A 329 -26.71 6.88 -11.54
CA PHE A 329 -25.77 7.97 -11.31
C PHE A 329 -24.55 7.96 -12.25
N TYR A 330 -23.92 6.80 -12.42
CA TYR A 330 -22.69 6.74 -13.23
C TYR A 330 -22.99 6.75 -14.72
N ARG A 331 -24.21 6.35 -15.07
CA ARG A 331 -24.65 6.33 -16.45
C ARG A 331 -24.70 7.78 -17.01
N ASN A 332 -25.02 8.73 -16.13
CA ASN A 332 -25.06 10.15 -16.51
C ASN A 332 -23.66 10.77 -16.74
N PRO A 333 -23.42 11.28 -17.97
CA PRO A 333 -22.10 11.74 -18.43
C PRO A 333 -21.67 13.08 -17.84
N GLN A 334 -22.64 13.83 -17.30
CA GLN A 334 -22.33 15.05 -16.57
C GLN A 334 -21.74 14.70 -15.18
N ASN A 335 -22.35 13.74 -14.49
CA ASN A 335 -21.80 13.28 -13.23
C ASN A 335 -20.41 12.69 -13.44
N LEU A 336 -20.25 11.98 -14.56
CA LEU A 336 -19.00 11.28 -14.85
C LEU A 336 -17.85 12.27 -15.10
N LYS A 337 -18.16 13.36 -15.78
CA LYS A 337 -17.17 14.38 -16.08
C LYS A 337 -16.76 15.15 -14.80
N GLU A 338 -17.71 15.36 -13.89
CA GLU A 338 -17.46 16.01 -12.61
C GLU A 338 -16.61 15.12 -11.73
N MET A 339 -16.92 13.83 -11.71
CA MET A 339 -16.06 12.87 -11.01
C MET A 339 -14.67 12.85 -11.61
N HIS A 340 -14.58 12.71 -12.94
CA HIS A 340 -13.31 12.74 -13.68
C HIS A 340 -12.52 13.99 -13.31
N ARG A 341 -13.22 15.13 -13.29
CA ARG A 341 -12.61 16.41 -12.90
C ARG A 341 -11.97 16.29 -11.51
N GLU A 342 -12.74 15.76 -10.57
CA GLU A 342 -12.29 15.73 -9.19
C GLU A 342 -11.17 14.72 -9.00
N ALA A 343 -11.21 13.61 -9.74
CA ALA A 343 -10.11 12.63 -9.69
C ALA A 343 -8.73 13.21 -10.10
N LEU A 344 -8.74 14.28 -10.91
CA LEU A 344 -7.51 14.88 -11.40
C LEU A 344 -7.12 16.07 -10.54
N ASN A 345 -7.98 16.40 -9.58
CA ASN A 345 -7.77 17.55 -8.71
C ASN A 345 -6.72 17.27 -7.64
N HIS A 346 -5.47 17.16 -8.09
CA HIS A 346 -4.35 16.90 -7.22
C HIS A 346 -3.16 17.68 -7.79
N GLU A 347 -2.32 18.23 -6.92
CA GLU A 347 -1.18 19.02 -7.38
C GLU A 347 -0.25 18.23 -8.28
N MET A 348 -0.17 16.93 -8.06
CA MET A 348 0.76 16.12 -8.81
C MET A 348 0.27 15.80 -10.23
N GLU A 349 -0.94 16.27 -10.55
CA GLU A 349 -1.53 16.06 -11.88
C GLU A 349 -0.75 16.80 -12.98
N ARG A 350 -0.14 17.92 -12.61
CA ARG A 350 0.72 18.69 -13.49
C ARG A 350 1.86 17.83 -14.05
N PHE A 351 1.98 16.60 -13.55
CA PHE A 351 2.95 15.65 -14.07
C PHE A 351 2.23 14.49 -14.74
N GLY A 352 0.92 14.44 -14.59
CA GLY A 352 0.11 13.42 -15.25
C GLY A 352 -0.23 12.20 -14.41
N PHE A 353 0.13 12.25 -13.12
CA PHE A 353 0.02 11.09 -12.24
C PHE A 353 -1.42 10.61 -12.06
N GLN A 354 -2.35 11.55 -11.97
CA GLN A 354 -3.75 11.19 -11.86
C GLN A 354 -4.37 10.84 -13.23
N SER A 355 -3.77 11.30 -14.31
CA SER A 355 -4.28 10.95 -15.65
C SER A 355 -3.78 9.59 -16.10
N ARG A 356 -2.84 9.01 -15.37
CA ARG A 356 -2.37 7.66 -15.70
C ARG A 356 -3.47 6.62 -15.52
N VAL A 357 -4.36 6.87 -14.56
CA VAL A 357 -5.14 5.78 -13.98
C VAL A 357 -6.44 5.53 -14.73
N THR A 358 -6.84 4.26 -14.86
CA THR A 358 -8.11 3.93 -15.49
C THR A 358 -9.16 3.65 -14.43
N TYR A 359 -10.31 4.30 -14.51
CA TYR A 359 -11.32 4.06 -13.49
C TYR A 359 -12.37 3.14 -14.07
N LEU A 360 -12.67 2.08 -13.34
CA LEU A 360 -13.76 1.18 -13.71
C LEU A 360 -14.73 1.12 -12.53
N ARG A 361 -15.95 0.66 -12.79
CA ARG A 361 -16.93 0.50 -11.74
C ARG A 361 -17.66 -0.82 -11.96
N GLN A 362 -18.09 -1.46 -10.88
CA GLN A 362 -18.81 -2.72 -11.04
C GLN A 362 -20.20 -2.38 -11.60
N LYS A 363 -20.63 -3.07 -12.64
CA LYS A 363 -21.85 -2.71 -13.37
C LYS A 363 -22.83 -3.86 -13.31
N LYS A 364 -22.44 -4.92 -12.62
CA LYS A 364 -23.29 -6.09 -12.54
C LYS A 364 -23.10 -6.76 -11.21
N LEU A 365 -24.23 -7.08 -10.56
CA LEU A 365 -24.21 -7.65 -9.24
C LEU A 365 -23.42 -8.96 -9.21
N LEU A 366 -22.52 -9.06 -8.23
CA LEU A 366 -21.80 -10.29 -7.99
C LEU A 366 -21.15 -10.15 -6.64
N ASN A 367 -21.30 -11.15 -5.79
CA ASN A 367 -20.62 -11.15 -4.50
C ASN A 367 -19.13 -11.49 -4.68
N LEU A 368 -18.32 -10.44 -4.88
CA LEU A 368 -16.88 -10.56 -5.09
C LEU A 368 -16.21 -11.22 -3.90
N ASN A 369 -16.68 -10.88 -2.69
CA ASN A 369 -16.13 -11.46 -1.44
C ASN A 369 -16.25 -13.00 -1.34
N LEU A 370 -17.36 -13.56 -1.82
CA LEU A 370 -17.54 -15.01 -1.77
C LEU A 370 -16.59 -15.73 -2.73
N MET A 371 -16.50 -15.23 -3.95
CA MET A 371 -15.56 -15.79 -4.91
C MET A 371 -14.14 -15.60 -4.37
N GLY A 372 -13.93 -14.47 -3.70
CA GLY A 372 -12.63 -14.17 -3.15
C GLY A 372 -12.18 -15.16 -2.11
N CYS A 373 -13.09 -15.56 -1.24
CA CYS A 373 -12.79 -16.54 -0.19
C CYS A 373 -12.37 -17.87 -0.79
N TYR A 374 -13.07 -18.25 -1.86
CA TYR A 374 -12.83 -19.51 -2.52
C TYR A 374 -11.53 -19.45 -3.31
N ARG A 375 -11.32 -18.34 -4.00
CA ARG A 375 -10.11 -18.10 -4.76
C ARG A 375 -8.89 -18.14 -3.83
N CYS A 376 -9.05 -17.54 -2.65
CA CYS A 376 -7.99 -17.59 -1.65
C CYS A 376 -7.80 -19.02 -1.14
N GLY A 377 -8.89 -19.77 -1.06
CA GLY A 377 -8.86 -21.16 -0.62
C GLY A 377 -7.93 -21.99 -1.48
N LEU A 378 -7.93 -21.71 -2.77
CA LEU A 378 -7.06 -22.41 -3.71
C LEU A 378 -5.58 -22.22 -3.35
N ASP A 379 -5.15 -20.99 -3.10
CA ASP A 379 -3.76 -20.72 -2.76
C ASP A 379 -3.32 -21.45 -1.49
N LEU A 380 -4.25 -21.65 -0.57
CA LEU A 380 -3.97 -22.34 0.70
C LEU A 380 -3.78 -23.86 0.53
N SER A 381 -4.24 -24.39 -0.59
CA SER A 381 -4.24 -25.84 -0.82
C SER A 381 -3.50 -26.22 -2.11
N MET B 15 27.76 -8.44 2.56
CA MET B 15 27.61 -7.50 3.65
C MET B 15 28.80 -6.54 3.70
N ASN B 16 29.63 -6.58 2.67
CA ASN B 16 30.83 -5.75 2.62
C ASN B 16 31.18 -5.21 1.23
N ILE B 17 31.28 -3.88 1.11
CA ILE B 17 31.30 -3.19 -0.17
C ILE B 17 32.51 -2.25 -0.38
N LYS B 18 33.58 -2.75 -0.99
CA LYS B 18 34.72 -1.90 -1.32
C LYS B 18 34.43 -1.01 -2.52
N GLU B 19 34.59 0.30 -2.36
CA GLU B 19 34.45 1.22 -3.47
C GLU B 19 35.82 1.51 -4.09
N LEU B 20 35.86 1.49 -5.42
CA LEU B 20 37.09 1.66 -6.17
C LEU B 20 36.83 2.67 -7.27
N SER B 21 37.66 2.65 -8.30
CA SER B 21 37.44 3.47 -9.48
C SER B 21 37.44 2.52 -10.65
N LEU B 22 37.06 3.03 -11.83
CA LEU B 22 36.97 2.21 -13.05
C LEU B 22 38.18 1.30 -13.23
N HIS B 23 39.39 1.89 -13.19
CA HIS B 23 40.62 1.14 -13.43
C HIS B 23 40.79 -0.04 -12.46
N GLU B 24 40.85 0.26 -11.18
CA GLU B 24 41.06 -0.77 -10.16
C GLU B 24 39.86 -1.70 -10.06
N LEU B 25 38.70 -1.25 -10.51
CA LEU B 25 37.55 -2.15 -10.63
C LEU B 25 37.89 -3.23 -11.64
N CYS B 26 38.20 -2.80 -12.86
CA CYS B 26 38.58 -3.70 -13.94
C CYS B 26 39.81 -4.55 -13.59
N GLU B 27 40.58 -4.07 -12.63
CA GLU B 27 41.70 -4.83 -12.11
C GLU B 27 41.20 -5.86 -11.11
N GLU B 28 40.35 -5.39 -10.19
CA GLU B 28 39.84 -6.23 -9.12
C GLU B 28 39.12 -7.46 -9.67
N LEU B 29 38.38 -7.27 -10.74
CA LEU B 29 37.54 -8.33 -11.31
C LEU B 29 38.34 -9.44 -12.00
N LYS B 30 39.66 -9.24 -12.11
CA LYS B 30 40.56 -10.22 -12.74
C LYS B 30 41.11 -11.22 -11.72
N THR B 31 40.99 -10.87 -10.44
CA THR B 31 41.35 -11.78 -9.35
C THR B 31 40.39 -12.99 -9.37
N PRO B 32 40.90 -14.17 -9.02
CA PRO B 32 40.14 -15.42 -9.20
C PRO B 32 39.09 -15.64 -8.13
N ALA B 33 39.02 -14.71 -7.18
CA ALA B 33 37.91 -14.67 -6.24
C ALA B 33 36.70 -14.10 -6.97
N TRP B 34 36.95 -13.50 -8.13
CA TRP B 34 35.92 -12.89 -8.96
C TRP B 34 35.75 -13.58 -10.30
N ASN B 35 36.28 -14.80 -10.42
CA ASN B 35 35.96 -15.68 -11.54
C ASN B 35 34.86 -16.63 -11.06
N VAL B 36 33.68 -16.04 -10.83
CA VAL B 36 32.53 -16.67 -10.21
C VAL B 36 31.34 -15.87 -10.75
N PRO B 37 30.13 -16.48 -10.81
CA PRO B 37 28.88 -15.78 -11.14
C PRO B 37 28.79 -14.37 -10.57
N LEU B 38 28.55 -13.37 -11.43
CA LEU B 38 28.49 -11.97 -11.01
C LEU B 38 27.09 -11.34 -11.10
N THR B 39 26.77 -10.42 -10.19
CA THR B 39 25.54 -9.62 -10.31
C THR B 39 25.85 -8.13 -10.49
N PHE B 40 25.38 -7.54 -11.60
CA PHE B 40 25.54 -6.11 -11.79
C PHE B 40 24.52 -5.32 -10.97
N VAL B 41 25.03 -4.41 -10.14
CA VAL B 41 24.17 -3.53 -9.34
C VAL B 41 24.46 -2.05 -9.60
N GLY B 42 23.47 -1.20 -9.35
CA GLY B 42 23.61 0.23 -9.58
C GLY B 42 22.74 1.04 -8.65
N ASP B 43 23.37 1.89 -7.83
CA ASP B 43 22.67 2.78 -6.91
C ASP B 43 22.69 4.18 -7.47
N VAL B 44 21.62 4.60 -8.14
CA VAL B 44 21.59 5.91 -8.76
C VAL B 44 20.91 6.92 -7.87
N GLY B 45 21.70 7.82 -7.30
CA GLY B 45 21.13 8.89 -6.48
C GLY B 45 20.74 10.07 -7.35
N GLY B 46 20.48 11.21 -6.73
CA GLY B 46 20.17 12.42 -7.48
C GLY B 46 21.44 13.17 -7.88
N THR B 47 22.54 12.86 -7.21
CA THR B 47 23.83 13.50 -7.43
C THR B 47 24.88 12.53 -8.00
N SER B 48 25.07 11.40 -7.31
CA SER B 48 26.05 10.41 -7.71
C SER B 48 25.41 9.05 -7.98
N ALA B 49 26.19 8.13 -8.53
CA ALA B 49 25.71 6.80 -8.84
C ALA B 49 26.80 5.78 -8.61
N ARG B 50 26.53 4.80 -7.78
CA ARG B 50 27.48 3.73 -7.52
C ARG B 50 27.11 2.46 -8.31
N MET B 51 27.99 2.03 -9.21
CA MET B 51 27.80 0.80 -9.98
C MET B 51 28.99 -0.12 -9.83
N GLY B 52 28.71 -1.42 -9.85
CA GLY B 52 29.74 -2.42 -9.66
C GLY B 52 29.17 -3.82 -9.77
N PHE B 53 29.80 -4.78 -9.10
CA PHE B 53 29.43 -6.17 -9.25
C PHE B 53 29.48 -6.83 -7.88
N VAL B 54 28.68 -7.87 -7.72
CA VAL B 54 28.57 -8.55 -6.43
C VAL B 54 28.81 -10.04 -6.62
N ARG B 55 29.57 -10.62 -5.70
CA ARG B 55 29.83 -12.05 -5.75
C ARG B 55 29.41 -12.63 -4.43
N GLU B 56 29.27 -13.95 -4.41
CA GLU B 56 29.10 -14.67 -3.17
C GLU B 56 30.46 -15.30 -2.88
N GLY B 57 30.73 -15.62 -1.63
CA GLY B 57 32.00 -16.24 -1.28
C GLY B 57 31.93 -17.27 -0.17
N LYS B 58 33.00 -17.34 0.61
CA LYS B 58 33.12 -18.29 1.71
C LYS B 58 32.06 -18.09 2.81
N ASN B 59 31.16 -19.06 2.93
CA ASN B 59 30.18 -19.13 4.02
C ASN B 59 29.25 -17.91 4.13
N ASP B 60 28.32 -17.79 3.17
CA ASP B 60 27.31 -16.71 3.16
C ASP B 60 27.94 -15.31 3.20
N SER B 61 29.15 -15.19 2.68
CA SER B 61 29.81 -13.89 2.59
C SER B 61 29.43 -13.20 1.28
N VAL B 62 29.05 -11.94 1.39
CA VAL B 62 28.60 -11.21 0.23
C VAL B 62 29.50 -10.01 0.01
N HIS B 63 30.36 -10.12 -1.00
CA HIS B 63 31.31 -9.06 -1.31
C HIS B 63 30.86 -8.28 -2.53
N ALA B 64 30.89 -6.96 -2.42
CA ALA B 64 30.55 -6.08 -3.52
C ALA B 64 31.73 -5.17 -3.85
N CYS B 65 31.84 -4.80 -5.12
CA CYS B 65 32.90 -3.91 -5.56
C CYS B 65 32.37 -2.93 -6.59
N VAL B 66 32.35 -1.65 -6.24
CA VAL B 66 31.68 -0.64 -7.07
C VAL B 66 32.55 0.59 -7.34
N THR B 67 32.16 1.38 -8.33
CA THR B 67 32.83 2.65 -8.63
C THR B 67 31.81 3.80 -8.67
N ARG B 68 32.27 5.02 -8.45
CA ARG B 68 31.38 6.18 -8.32
C ARG B 68 31.30 7.03 -9.59
N TYR B 69 30.16 7.68 -9.79
CA TYR B 69 29.91 8.50 -10.98
C TYR B 69 29.23 9.80 -10.56
N SER B 70 29.13 10.77 -11.47
CA SER B 70 28.47 12.05 -11.16
C SER B 70 27.31 12.34 -12.10
N MET B 71 26.16 12.67 -11.55
CA MET B 71 24.99 12.99 -12.37
C MET B 71 25.01 14.47 -12.75
N LYS B 72 26.16 14.90 -13.29
CA LYS B 72 26.44 16.30 -13.58
C LYS B 72 25.48 16.88 -14.61
N ARG B 73 25.05 16.06 -15.54
CA ARG B 73 24.09 16.52 -16.53
C ARG B 73 22.69 16.62 -15.92
N LYS B 74 22.53 16.08 -14.70
CA LYS B 74 21.23 15.95 -14.04
C LYS B 74 20.18 15.34 -14.98
N ASP B 75 20.60 14.31 -15.70
CA ASP B 75 19.73 13.57 -16.62
C ASP B 75 19.97 12.07 -16.41
N ILE B 76 18.87 11.32 -16.34
CA ILE B 76 18.91 9.89 -16.01
C ILE B 76 19.46 9.08 -17.17
N THR B 77 19.14 9.52 -18.39
CA THR B 77 19.56 8.83 -19.61
C THR B 77 21.07 8.75 -19.72
N GLU B 78 21.76 9.63 -19.00
CA GLU B 78 23.22 9.65 -18.97
C GLU B 78 23.73 8.32 -18.47
N LEU B 79 22.90 7.63 -17.68
CA LEU B 79 23.24 6.31 -17.15
C LEU B 79 23.71 5.37 -18.24
N ILE B 80 23.06 5.47 -19.40
CA ILE B 80 23.31 4.55 -20.50
C ILE B 80 24.75 4.64 -20.99
N GLU B 81 25.33 5.85 -20.93
CA GLU B 81 26.73 6.03 -21.33
C GLU B 81 27.73 5.57 -20.29
N PHE B 82 27.28 5.42 -19.04
CA PHE B 82 28.11 4.85 -17.99
C PHE B 82 28.26 3.35 -18.22
N PHE B 83 27.16 2.72 -18.65
CA PHE B 83 27.14 1.30 -18.96
C PHE B 83 28.06 0.98 -20.13
N ASN B 84 27.98 1.83 -21.15
CA ASN B 84 28.86 1.76 -22.31
C ASN B 84 30.35 1.77 -21.92
N GLU B 85 30.73 2.75 -21.10
CA GLU B 85 32.10 2.85 -20.58
C GLU B 85 32.54 1.57 -19.88
N ILE B 86 31.77 1.18 -18.87
CA ILE B 86 31.99 -0.08 -18.17
C ILE B 86 32.24 -1.23 -19.14
N ILE B 87 31.33 -1.40 -20.10
CA ILE B 87 31.44 -2.47 -21.11
C ILE B 87 32.79 -2.50 -21.84
N GLU B 88 33.17 -1.37 -22.42
CA GLU B 88 34.39 -1.28 -23.22
C GLU B 88 35.67 -1.45 -22.41
N LEU B 89 35.72 -0.80 -21.25
CA LEU B 89 36.90 -0.90 -20.40
C LEU B 89 36.91 -2.22 -19.63
N MET B 90 35.83 -2.98 -19.73
CA MET B 90 35.75 -4.28 -19.09
C MET B 90 35.97 -5.36 -20.14
N PRO B 91 36.85 -6.33 -19.82
CA PRO B 91 37.12 -7.42 -20.75
C PRO B 91 35.88 -8.26 -20.98
N ALA B 92 35.87 -9.04 -22.05
CA ALA B 92 34.81 -10.02 -22.23
C ALA B 92 34.96 -11.17 -21.22
N SER B 93 36.15 -11.30 -20.64
CA SER B 93 36.45 -12.37 -19.67
C SER B 93 35.49 -12.31 -18.47
N VAL B 94 35.11 -11.10 -18.09
CA VAL B 94 34.37 -10.88 -16.86
C VAL B 94 32.91 -10.45 -17.12
N ILE B 95 32.67 -9.71 -18.20
CA ILE B 95 31.32 -9.34 -18.62
C ILE B 95 30.46 -10.59 -18.86
N LYS B 96 31.06 -11.62 -19.44
CA LYS B 96 30.37 -12.87 -19.72
C LYS B 96 29.84 -13.51 -18.43
N ARG B 97 30.41 -13.15 -17.30
CA ARG B 97 30.02 -13.77 -16.04
C ARG B 97 28.83 -13.06 -15.36
N VAL B 98 28.35 -11.99 -15.97
CA VAL B 98 27.13 -11.30 -15.50
C VAL B 98 25.88 -12.16 -15.71
N LYS B 99 25.21 -12.49 -14.59
CA LYS B 99 24.03 -13.37 -14.57
C LYS B 99 22.74 -12.60 -14.26
N ALA B 100 22.89 -11.39 -13.72
CA ALA B 100 21.78 -10.53 -13.32
C ALA B 100 22.26 -9.09 -13.22
N GLY B 101 21.41 -8.16 -13.63
CA GLY B 101 21.71 -6.74 -13.50
C GLY B 101 20.57 -5.97 -12.87
N VAL B 102 20.83 -5.27 -11.76
CA VAL B 102 19.72 -4.61 -11.07
C VAL B 102 20.12 -3.20 -10.61
N ILE B 103 19.40 -2.18 -11.07
CA ILE B 103 19.70 -0.83 -10.59
C ILE B 103 18.52 -0.15 -9.90
N ASN B 104 18.83 0.72 -8.93
CA ASN B 104 17.78 1.56 -8.34
C ASN B 104 17.90 3.03 -8.73
N VAL B 105 16.75 3.70 -8.82
CA VAL B 105 16.68 5.08 -9.28
C VAL B 105 15.69 5.87 -8.40
N PRO B 106 15.90 7.19 -8.26
CA PRO B 106 15.10 7.93 -7.27
C PRO B 106 13.77 8.41 -7.80
N GLY B 107 12.93 7.50 -8.29
CA GLY B 107 11.64 7.88 -8.86
C GLY B 107 10.65 6.73 -8.96
N PRO B 108 9.39 7.03 -9.31
CA PRO B 108 8.42 5.95 -9.46
C PRO B 108 8.89 5.05 -10.61
N VAL B 109 8.74 3.75 -10.48
CA VAL B 109 9.10 2.86 -11.57
C VAL B 109 7.89 2.00 -11.93
N THR B 110 7.69 1.78 -13.23
CA THR B 110 6.61 0.91 -13.65
C THR B 110 7.21 -0.33 -14.32
N GLY B 111 6.52 -1.46 -14.18
CA GLY B 111 6.92 -2.72 -14.76
C GLY B 111 8.39 -3.09 -14.56
N GLY B 112 8.98 -2.61 -13.47
CA GLY B 112 10.40 -2.77 -13.22
C GLY B 112 11.30 -2.43 -14.40
N ALA B 113 10.87 -1.45 -15.21
CA ALA B 113 11.52 -1.21 -16.48
C ALA B 113 11.48 0.26 -16.91
N VAL B 114 10.43 0.98 -16.54
CA VAL B 114 10.37 2.39 -16.87
C VAL B 114 10.38 3.30 -15.63
N GLY B 115 11.35 4.20 -15.55
CA GLY B 115 11.45 5.09 -14.40
C GLY B 115 11.15 6.54 -14.72
N GLY B 116 10.32 7.17 -13.88
CA GLY B 116 10.04 8.59 -14.02
C GLY B 116 8.58 8.98 -14.10
N PRO B 117 8.31 10.30 -14.21
CA PRO B 117 9.31 11.36 -14.22
C PRO B 117 9.90 11.58 -12.84
N PHE B 118 11.12 12.12 -12.79
CA PHE B 118 11.82 12.34 -11.54
C PHE B 118 11.68 13.79 -11.06
N ASN B 119 11.88 13.99 -9.76
CA ASN B 119 11.77 15.30 -9.13
C ASN B 119 13.10 16.06 -9.15
N ASN B 120 14.17 15.31 -8.92
CA ASN B 120 15.50 15.88 -8.81
C ASN B 120 16.28 15.76 -10.12
N LEU B 121 15.71 15.03 -11.08
CA LEU B 121 16.39 14.79 -12.36
C LEU B 121 15.41 14.83 -13.55
N LYS B 122 15.95 15.08 -14.74
CA LYS B 122 15.12 15.07 -15.94
C LYS B 122 15.36 13.79 -16.72
N GLY B 123 14.40 13.43 -17.58
CA GLY B 123 14.52 12.22 -18.37
C GLY B 123 13.69 11.05 -17.84
N ILE B 124 13.77 9.93 -18.56
CA ILE B 124 13.03 8.72 -18.22
C ILE B 124 13.99 7.54 -18.33
N ALA B 125 14.02 6.70 -17.30
CA ALA B 125 14.91 5.53 -17.26
C ALA B 125 14.26 4.32 -17.90
N ARG B 126 14.79 3.92 -19.05
CA ARG B 126 14.22 2.83 -19.82
C ARG B 126 15.15 1.63 -19.82
N LEU B 127 14.62 0.47 -19.40
CA LEU B 127 15.43 -0.75 -19.32
C LEU B 127 15.68 -1.31 -20.71
N SER B 128 14.76 -0.99 -21.63
CA SER B 128 14.83 -1.46 -23.01
C SER B 128 16.01 -0.81 -23.76
N ASP B 129 16.50 0.30 -23.22
CA ASP B 129 17.66 0.98 -23.79
C ASP B 129 18.98 0.56 -23.16
N TYR B 130 18.94 -0.21 -22.08
CA TYR B 130 20.21 -0.56 -21.44
C TYR B 130 20.88 -1.72 -22.16
N PRO B 131 22.22 -1.77 -22.12
CA PRO B 131 22.94 -2.85 -22.81
C PRO B 131 22.68 -4.20 -22.15
N LYS B 132 22.38 -5.21 -22.95
CA LYS B 132 22.03 -6.52 -22.41
C LYS B 132 23.22 -7.28 -21.80
N ALA B 133 24.42 -6.72 -21.95
CA ALA B 133 25.62 -7.33 -21.35
C ALA B 133 25.57 -7.19 -19.82
N LEU B 134 25.03 -6.07 -19.35
CA LEU B 134 24.89 -5.84 -17.92
C LEU B 134 23.46 -6.15 -17.46
N PHE B 135 22.52 -6.11 -18.41
CA PHE B 135 21.12 -6.39 -18.11
C PHE B 135 20.57 -7.56 -18.93
N PRO B 136 20.95 -8.79 -18.54
CA PRO B 136 20.43 -10.01 -19.18
C PRO B 136 18.90 -10.02 -19.13
N PRO B 137 18.25 -10.13 -20.30
CA PRO B 137 16.78 -10.10 -20.29
C PRO B 137 16.19 -11.25 -19.47
N GLY B 138 15.17 -10.95 -18.70
CA GLY B 138 14.55 -11.95 -17.85
C GLY B 138 15.28 -12.14 -16.54
N ARG B 139 16.43 -11.49 -16.40
CA ARG B 139 17.16 -11.55 -15.14
C ARG B 139 17.70 -10.17 -14.74
N SER B 140 16.94 -9.14 -15.04
CA SER B 140 17.33 -7.78 -14.67
C SER B 140 16.12 -6.85 -14.44
N ALA B 141 16.29 -5.81 -13.60
CA ALA B 141 15.20 -4.89 -13.30
C ALA B 141 15.68 -3.48 -12.91
N ILE B 142 14.80 -2.49 -13.11
CA ILE B 142 14.93 -1.19 -12.48
C ILE B 142 13.99 -1.07 -11.26
N LEU B 143 14.57 -0.77 -10.11
CA LEU B 143 13.80 -0.63 -8.89
C LEU B 143 13.72 0.85 -8.52
N ASN B 144 12.68 1.25 -7.79
CA ASN B 144 12.71 2.53 -7.11
C ASN B 144 13.75 2.45 -5.98
N ASP B 145 14.34 3.58 -5.58
CA ASP B 145 15.39 3.54 -4.58
C ASP B 145 14.96 2.94 -3.23
N LEU B 146 13.72 3.17 -2.83
CA LEU B 146 13.21 2.63 -1.56
C LEU B 146 12.66 1.22 -1.74
N GLU B 147 12.36 0.85 -2.98
CA GLU B 147 12.07 -0.55 -3.27
C GLU B 147 13.37 -1.33 -3.03
N ALA B 148 14.47 -0.80 -3.57
CA ALA B 148 15.78 -1.40 -3.33
C ALA B 148 16.14 -1.39 -1.84
N GLY B 149 15.88 -0.28 -1.15
CA GLY B 149 16.15 -0.24 0.27
C GLY B 149 15.32 -1.26 1.04
N GLY B 150 14.08 -1.49 0.57
CA GLY B 150 13.21 -2.49 1.17
C GLY B 150 13.89 -3.84 1.14
N PHE B 151 14.31 -4.23 -0.07
CA PHE B 151 15.06 -5.45 -0.25
C PHE B 151 16.29 -5.50 0.66
N GLY B 152 17.02 -4.38 0.75
CA GLY B 152 18.16 -4.29 1.64
C GLY B 152 17.76 -4.61 3.06
N VAL B 153 16.65 -4.03 3.51
CA VAL B 153 16.20 -4.31 4.87
C VAL B 153 15.97 -5.81 5.08
N LEU B 154 15.41 -6.48 4.08
CA LEU B 154 15.19 -7.93 4.16
C LEU B 154 16.54 -8.63 4.27
N ALA B 155 17.48 -8.22 3.42
CA ALA B 155 18.82 -8.80 3.38
C ALA B 155 19.49 -8.74 4.76
N VAL B 156 19.38 -7.60 5.43
CA VAL B 156 19.94 -7.43 6.75
C VAL B 156 19.32 -8.39 7.76
N SER B 157 18.01 -8.62 7.64
CA SER B 157 17.31 -9.50 8.56
C SER B 157 17.72 -10.97 8.36
N ASP B 158 17.86 -11.35 7.11
CA ASP B 158 18.26 -12.71 6.73
C ASP B 158 19.67 -13.06 7.20
N ALA B 159 20.55 -12.06 7.24
CA ALA B 159 21.91 -12.27 7.74
C ALA B 159 21.99 -12.29 9.28
N HIS B 160 20.84 -12.31 9.95
CA HIS B 160 20.76 -12.33 11.42
C HIS B 160 21.52 -11.19 12.08
N VAL B 161 21.67 -10.09 11.35
CA VAL B 161 22.44 -8.97 11.83
C VAL B 161 21.54 -7.72 12.04
N PHE B 162 20.23 -7.92 12.07
CA PHE B 162 19.28 -6.82 12.18
C PHE B 162 19.53 -5.91 13.40
N SER B 163 19.74 -6.49 14.57
CA SER B 163 19.91 -5.65 15.77
C SER B 163 21.21 -4.85 15.75
N GLU B 164 22.06 -5.10 14.75
CA GLU B 164 23.32 -4.37 14.61
C GLU B 164 23.13 -3.06 13.85
N TYR B 165 22.25 -3.09 12.85
CA TYR B 165 22.02 -1.91 12.03
C TYR B 165 20.76 -1.13 12.38
N PHE B 166 19.91 -1.69 13.24
CA PHE B 166 18.69 -0.98 13.59
C PHE B 166 18.41 -0.95 15.09
N GLY B 167 18.09 0.23 15.60
CA GLY B 167 17.72 0.40 16.99
C GLY B 167 16.21 0.56 17.16
N VAL B 168 15.71 0.15 18.32
CA VAL B 168 14.29 0.29 18.65
C VAL B 168 14.06 1.68 19.22
N MET B 169 13.19 2.48 18.59
CA MET B 169 12.83 3.79 19.16
C MET B 169 11.79 3.57 20.23
N TRP B 170 10.73 2.84 19.86
CA TRP B 170 9.81 2.30 20.84
C TRP B 170 9.12 1.08 20.28
N GLU B 171 8.73 0.21 21.19
CA GLU B 171 8.11 -1.02 20.80
C GLU B 171 6.61 -0.85 20.80
N GLY B 172 6.00 -1.31 19.73
CA GLY B 172 4.56 -1.21 19.58
C GLY B 172 3.84 -2.37 20.20
N THR B 173 2.54 -2.23 20.24
CA THR B 173 1.64 -3.10 20.96
C THR B 173 1.46 -4.47 20.28
N GLN B 174 1.60 -4.50 18.96
CA GLN B 174 1.26 -5.70 18.19
C GLN B 174 2.45 -6.65 18.13
N TRP B 175 3.59 -6.24 18.68
CA TRP B 175 4.85 -6.95 18.45
C TRP B 175 5.05 -8.29 19.20
N ARG B 176 4.96 -8.27 20.53
CA ARG B 176 5.12 -9.49 21.33
C ARG B 176 4.04 -10.49 20.99
N THR B 177 2.91 -9.98 20.50
CA THR B 177 1.85 -10.85 20.07
C THR B 177 2.18 -11.61 18.75
N CYS B 178 2.87 -10.98 17.81
CA CYS B 178 3.19 -11.62 16.52
C CYS B 178 4.58 -12.29 16.49
N GLU B 179 5.46 -11.89 17.40
CA GLU B 179 6.87 -12.27 17.38
C GLU B 179 7.38 -12.67 18.76
N GLN B 180 8.16 -13.74 18.82
CA GLN B 180 8.73 -14.12 20.12
C GLN B 180 10.12 -13.52 20.32
N GLU B 181 10.83 -13.37 19.21
CA GLU B 181 12.14 -12.74 19.21
C GLU B 181 11.97 -11.31 19.69
N PRO B 182 13.02 -10.74 20.33
CA PRO B 182 12.94 -9.38 20.85
C PRO B 182 12.80 -8.39 19.71
N ALA B 183 12.13 -7.28 19.96
CA ALA B 183 12.01 -6.23 18.96
C ALA B 183 13.41 -5.79 18.56
N GLY B 184 13.58 -5.47 17.28
CA GLY B 184 14.83 -4.93 16.79
C GLY B 184 15.81 -6.00 16.32
N SER B 185 15.47 -7.26 16.55
CA SER B 185 16.40 -8.35 16.27
C SER B 185 16.08 -9.09 14.98
N VAL B 186 14.89 -8.86 14.46
CA VAL B 186 14.46 -9.41 13.18
C VAL B 186 13.47 -8.42 12.57
N ILE B 187 13.27 -8.53 11.26
CA ILE B 187 12.27 -7.72 10.60
C ILE B 187 10.87 -7.96 11.17
N GLY B 188 10.55 -9.21 11.46
CA GLY B 188 9.25 -9.54 11.98
C GLY B 188 8.34 -10.04 10.89
N ARG B 189 7.45 -10.95 11.27
CA ARG B 189 6.43 -11.47 10.37
C ARG B 189 5.26 -10.50 10.36
N GLY B 190 5.47 -9.35 9.75
CA GLY B 190 4.45 -8.34 9.68
C GLY B 190 4.83 -7.35 8.61
N ARG B 191 3.92 -6.44 8.30
CA ARG B 191 4.24 -5.34 7.40
C ARG B 191 5.28 -4.43 8.01
N CYS B 192 6.28 -4.11 7.21
CA CYS B 192 7.29 -3.14 7.59
C CYS B 192 7.23 -1.95 6.65
N LEU B 193 6.96 -0.77 7.21
CA LEU B 193 6.98 0.48 6.43
C LEU B 193 8.33 1.15 6.51
N VAL B 194 9.01 1.20 5.38
CA VAL B 194 10.31 1.82 5.34
C VAL B 194 10.14 3.26 4.89
N LEU B 195 10.76 4.17 5.64
CA LEU B 195 10.73 5.59 5.33
C LEU B 195 12.17 6.11 5.28
N ALA B 196 12.48 6.94 4.29
CA ALA B 196 13.84 7.49 4.13
C ALA B 196 13.75 8.99 3.98
N PRO B 197 13.69 9.69 5.12
CA PRO B 197 13.59 11.17 5.14
C PRO B 197 14.97 11.77 4.92
N GLY B 198 15.27 12.08 3.67
CA GLY B 198 16.57 12.64 3.34
C GLY B 198 16.38 13.88 2.51
N THR B 199 16.95 13.85 1.32
CA THR B 199 16.79 14.91 0.35
C THR B 199 15.34 14.92 -0.10
N GLY B 200 14.86 13.75 -0.49
CA GLY B 200 13.47 13.56 -0.74
C GLY B 200 12.90 12.68 0.35
N LEU B 201 11.58 12.54 0.38
CA LEU B 201 10.94 11.61 1.29
C LEU B 201 10.58 10.33 0.55
N GLY B 202 11.35 9.28 0.83
CA GLY B 202 11.10 7.98 0.21
C GLY B 202 10.26 7.10 1.11
N SER B 203 9.58 6.13 0.50
CA SER B 203 8.69 5.25 1.23
C SER B 203 8.45 4.00 0.43
N SER B 204 8.54 2.86 1.10
CA SER B 204 8.20 1.59 0.51
C SER B 204 7.61 0.73 1.64
N LEU B 205 6.77 -0.22 1.27
CA LEU B 205 6.11 -1.05 2.26
C LEU B 205 6.51 -2.49 1.99
N ILE B 206 7.18 -3.10 2.96
CA ILE B 206 7.51 -4.51 2.84
C ILE B 206 6.34 -5.31 3.38
N TYR B 207 5.54 -5.82 2.46
CA TYR B 207 4.34 -6.53 2.81
C TYR B 207 4.67 -7.97 3.20
N TYR B 208 3.98 -8.46 4.22
CA TYR B 208 4.14 -9.84 4.62
C TYR B 208 2.87 -10.61 4.26
N ASN B 209 3.02 -11.63 3.41
CA ASN B 209 1.88 -12.45 3.02
C ASN B 209 1.72 -13.68 3.91
N PRO B 210 0.76 -13.63 4.83
CA PRO B 210 0.62 -14.65 5.88
C PRO B 210 0.27 -16.04 5.31
N MET B 211 -0.14 -16.07 4.04
CA MET B 211 -0.38 -17.31 3.31
C MET B 211 0.90 -18.11 3.12
N ASN B 212 1.83 -17.57 2.34
CA ASN B 212 3.07 -18.27 2.02
C ASN B 212 4.28 -17.88 2.90
N GLN B 213 4.01 -17.09 3.94
CA GLN B 213 5.06 -16.52 4.81
C GLN B 213 6.13 -15.67 4.10
N GLN B 214 5.88 -15.31 2.84
CA GLN B 214 6.83 -14.54 2.03
C GLN B 214 6.68 -13.03 2.22
N HIS B 215 7.81 -12.34 2.13
CA HIS B 215 7.82 -10.87 2.22
C HIS B 215 7.89 -10.33 0.81
N ILE B 216 7.09 -9.30 0.54
CA ILE B 216 7.09 -8.66 -0.77
C ILE B 216 7.34 -7.15 -0.62
N VAL B 217 8.09 -6.55 -1.53
CA VAL B 217 8.35 -5.11 -1.41
C VAL B 217 7.50 -4.31 -2.35
N VAL B 218 6.66 -3.45 -1.78
CA VAL B 218 5.70 -2.67 -2.55
C VAL B 218 6.09 -1.21 -2.49
N PRO B 219 6.59 -0.68 -3.61
CA PRO B 219 7.01 0.74 -3.71
C PRO B 219 5.84 1.72 -3.48
N LEU B 220 6.04 2.77 -2.70
CA LEU B 220 4.98 3.76 -2.50
C LEU B 220 5.50 5.17 -2.80
N GLU B 221 4.58 6.12 -2.98
CA GLU B 221 4.96 7.52 -3.05
C GLU B 221 4.19 8.34 -1.99
N LEU B 222 4.38 8.00 -0.71
CA LEU B 222 3.68 8.64 0.39
C LEU B 222 4.01 10.12 0.51
N GLY B 223 5.19 10.48 0.03
CA GLY B 223 5.69 11.83 0.21
C GLY B 223 4.88 12.86 -0.53
N SER B 224 4.36 12.48 -1.69
CA SER B 224 3.65 13.42 -2.56
C SER B 224 2.13 13.45 -2.33
N GLN B 225 1.66 12.92 -1.21
CA GLN B 225 0.22 13.06 -0.97
C GLN B 225 0.00 14.34 -0.17
N THR B 226 -1.12 15.01 -0.42
CA THR B 226 -1.48 16.23 0.31
C THR B 226 -1.59 16.06 1.84
N ILE B 227 -0.89 16.90 2.59
CA ILE B 227 -0.92 16.84 4.05
C ILE B 227 -2.27 17.09 4.72
N PRO B 228 -2.73 16.12 5.53
CA PRO B 228 -3.91 16.32 6.39
C PRO B 228 -3.53 17.29 7.51
N MET B 229 -4.49 18.10 7.94
CA MET B 229 -4.26 19.04 9.04
C MET B 229 -4.22 18.37 10.42
N ARG B 230 -3.58 19.04 11.37
CA ARG B 230 -3.92 18.81 12.78
C ARG B 230 -4.46 20.12 13.35
N LYS B 231 -3.57 20.97 13.87
CA LYS B 231 -3.97 22.26 14.41
C LYS B 231 -3.07 23.28 13.79
N ASP B 232 -2.66 23.03 12.57
CA ASP B 232 -1.59 23.75 11.94
C ASP B 232 -1.99 24.41 10.62
N ILE B 233 -3.27 24.75 10.51
CA ILE B 233 -3.75 25.42 9.30
C ILE B 233 -2.88 26.57 8.86
N ASP B 234 -2.67 27.53 9.75
CA ASP B 234 -1.93 28.74 9.40
C ASP B 234 -0.53 28.37 8.92
N TYR B 235 0.10 27.43 9.62
CA TYR B 235 1.45 27.00 9.24
C TYR B 235 1.40 26.43 7.83
N ILE B 236 0.42 25.56 7.59
CA ILE B 236 0.26 24.99 6.26
C ILE B 236 -0.07 26.05 5.18
N GLN B 237 -0.93 27.02 5.51
CA GLN B 237 -1.25 28.12 4.57
C GLN B 237 0.01 28.91 4.19
N THR B 238 0.89 29.13 5.17
CA THR B 238 2.10 29.92 4.98
C THR B 238 3.03 29.32 3.92
N LEU B 239 3.29 28.02 4.03
CA LEU B 239 4.06 27.31 3.02
C LEU B 239 3.27 27.25 1.70
N HIS B 240 1.98 26.94 1.80
CA HIS B 240 1.07 26.96 0.65
C HIS B 240 1.32 28.25 -0.15
N ALA B 241 1.37 29.38 0.56
CA ALA B 241 1.56 30.68 -0.07
C ALA B 241 2.94 30.84 -0.72
N GLU B 242 3.99 30.33 -0.06
CA GLU B 242 5.35 30.36 -0.62
C GLU B 242 5.52 29.46 -1.84
N LEU B 243 4.74 28.39 -1.89
CA LEU B 243 4.90 27.39 -2.94
C LEU B 243 3.95 27.62 -4.10
N LYS B 244 2.80 28.23 -3.81
CA LYS B 244 1.69 28.27 -4.75
C LYS B 244 1.35 26.84 -5.18
N LEU B 245 1.40 25.95 -4.19
CA LEU B 245 1.04 24.53 -4.34
C LEU B 245 0.56 24.01 -2.98
N LEU B 246 -0.53 23.22 -2.95
CA LEU B 246 -0.95 22.56 -1.73
C LEU B 246 0.21 21.71 -1.19
N PRO B 247 0.61 21.93 0.08
CA PRO B 247 1.78 21.20 0.58
C PRO B 247 1.52 19.71 0.75
N ASN B 248 2.53 18.90 0.40
CA ASN B 248 2.50 17.48 0.65
C ASN B 248 3.57 17.20 1.68
N TYR B 249 3.62 15.97 2.21
CA TYR B 249 4.54 15.66 3.32
C TYR B 249 5.99 16.01 2.98
N GLU B 250 6.36 15.84 1.72
CA GLU B 250 7.74 16.08 1.31
C GLU B 250 8.13 17.57 1.44
N ASN B 251 7.19 18.46 1.14
CA ASN B 251 7.40 19.88 1.39
C ASN B 251 7.76 20.16 2.87
N MET B 252 7.24 19.39 3.81
CA MET B 252 7.57 19.60 5.22
C MET B 252 8.74 18.75 5.73
N VAL B 253 8.92 17.58 5.13
CA VAL B 253 9.95 16.64 5.55
C VAL B 253 10.92 16.44 4.39
N SER B 254 11.97 17.24 4.36
CA SER B 254 12.98 17.23 3.29
C SER B 254 13.96 18.33 3.62
N GLY B 255 14.98 18.50 2.77
CA GLY B 255 15.90 19.62 2.91
C GLY B 255 15.18 20.96 2.88
N ALA B 256 14.35 21.16 1.86
CA ALA B 256 13.58 22.39 1.73
C ALA B 256 12.63 22.58 2.91
N GLY B 257 12.10 21.48 3.43
CA GLY B 257 11.17 21.54 4.54
C GLY B 257 11.82 21.96 5.85
N LEU B 258 13.02 21.43 6.13
CA LEU B 258 13.76 21.81 7.33
C LEU B 258 14.15 23.31 7.29
N GLU B 259 14.74 23.73 6.17
CA GLU B 259 15.09 25.13 5.96
C GLU B 259 13.89 26.04 6.21
N PHE B 260 12.75 25.66 5.65
CA PHE B 260 11.53 26.40 5.87
C PHE B 260 11.17 26.48 7.36
N HIS B 261 11.30 25.37 8.08
CA HIS B 261 10.96 25.35 9.51
C HIS B 261 11.88 26.28 10.27
N TYR B 262 13.12 26.38 9.80
CA TYR B 262 14.09 27.29 10.38
C TYR B 262 13.70 28.75 10.16
N ARG B 263 13.37 29.09 8.92
CA ARG B 263 13.00 30.47 8.60
C ARG B 263 11.75 30.91 9.32
N GLN B 264 10.94 29.96 9.77
CA GLN B 264 9.74 30.30 10.52
C GLN B 264 10.02 30.42 12.02
N VAL B 265 11.15 29.87 12.45
CA VAL B 265 11.57 29.98 13.84
C VAL B 265 12.17 31.36 14.10
N VAL B 266 13.13 31.72 13.26
CA VAL B 266 13.89 32.96 13.41
C VAL B 266 13.16 34.21 12.91
N ARG B 267 12.12 34.02 12.10
CA ARG B 267 11.28 35.12 11.60
C ARG B 267 12.05 36.21 10.82
N GLY B 268 13.36 36.06 10.73
CA GLY B 268 14.19 37.03 10.03
C GLY B 268 15.41 37.46 10.81
N SER B 269 15.46 37.10 12.10
CA SER B 269 16.56 37.49 12.96
C SER B 269 17.88 36.94 12.43
N ARG B 270 18.17 35.70 12.78
CA ARG B 270 19.35 34.99 12.27
C ARG B 270 19.22 34.86 10.75
N PRO B 271 20.32 34.50 10.06
CA PRO B 271 20.23 34.26 8.61
C PRO B 271 19.69 32.87 8.27
N PRO B 272 19.07 32.73 7.08
CA PRO B 272 18.64 31.46 6.50
C PRO B 272 19.81 30.49 6.22
N CYS B 273 19.67 29.24 6.66
CA CYS B 273 20.71 28.22 6.46
C CYS B 273 20.28 27.10 5.50
N SER B 274 21.25 26.32 5.02
CA SER B 274 20.94 25.12 4.25
C SER B 274 20.51 24.04 5.24
N ALA B 275 19.90 22.98 4.75
CA ALA B 275 19.44 21.90 5.64
C ALA B 275 20.57 21.30 6.48
N GLY B 276 21.63 20.82 5.82
CA GLY B 276 22.76 20.20 6.51
C GLY B 276 23.33 21.10 7.58
N GLU B 277 23.36 22.40 7.30
CA GLU B 277 23.82 23.41 8.25
C GLU B 277 22.96 23.41 9.51
N ILE B 278 21.65 23.34 9.31
CA ILE B 278 20.69 23.41 10.41
C ILE B 278 20.84 22.23 11.35
N ALA B 279 20.91 21.02 10.79
CA ALA B 279 21.09 19.83 11.62
C ALA B 279 22.43 19.91 12.36
N LYS B 280 23.42 20.52 11.71
CA LYS B 280 24.74 20.76 12.32
C LYS B 280 24.62 21.64 13.56
N LEU B 281 23.94 22.78 13.41
CA LEU B 281 23.71 23.70 14.52
C LEU B 281 22.93 23.06 15.65
N ALA B 282 22.04 22.13 15.31
CA ALA B 282 21.21 21.47 16.32
C ALA B 282 22.03 20.47 17.12
N SER B 283 22.94 19.78 16.44
CA SER B 283 23.84 18.84 17.09
C SER B 283 24.68 19.57 18.12
N GLU B 284 25.09 20.79 17.76
CA GLU B 284 25.92 21.62 18.62
C GLU B 284 25.08 22.28 19.72
N GLY B 285 23.76 22.31 19.56
CA GLY B 285 22.87 22.79 20.61
C GLY B 285 22.06 24.04 20.35
N ASP B 286 22.15 24.64 19.16
CA ASP B 286 21.39 25.85 18.85
C ASP B 286 19.88 25.62 19.01
N ALA B 287 19.25 26.48 19.81
CA ALA B 287 17.82 26.36 20.08
C ALA B 287 16.96 26.55 18.83
N ASN B 288 17.32 27.52 17.99
CA ASN B 288 16.62 27.72 16.73
C ASN B 288 16.68 26.47 15.87
N ALA B 289 17.87 25.86 15.81
CA ALA B 289 18.07 24.65 15.03
C ALA B 289 17.28 23.46 15.60
N CYS B 290 17.39 23.26 16.92
CA CYS B 290 16.66 22.16 17.57
C CYS B 290 15.15 22.33 17.41
N LYS B 291 14.67 23.56 17.49
CA LYS B 291 13.26 23.84 17.30
C LYS B 291 12.85 23.45 15.87
N ALA B 292 13.72 23.77 14.92
CA ALA B 292 13.48 23.48 13.52
C ALA B 292 13.41 21.98 13.27
N MET B 293 14.24 21.21 13.97
CA MET B 293 14.25 19.77 13.74
C MET B 293 13.12 19.06 14.46
N LYS B 294 12.61 19.65 15.52
CA LYS B 294 11.41 19.12 16.17
C LYS B 294 10.18 19.25 15.26
N LYS B 295 10.07 20.40 14.58
CA LYS B 295 8.95 20.67 13.69
C LYS B 295 9.00 19.73 12.48
N TYR B 296 10.21 19.52 11.96
CA TYR B 296 10.43 18.58 10.87
C TYR B 296 9.96 17.19 11.29
N HIS B 297 10.37 16.76 12.47
CA HIS B 297 10.01 15.43 12.95
C HIS B 297 8.57 15.36 13.38
N GLU B 298 7.94 16.51 13.56
CA GLU B 298 6.52 16.50 13.89
C GLU B 298 5.75 16.05 12.65
N TYR B 299 6.23 16.45 11.48
CA TYR B 299 5.57 16.08 10.24
C TYR B 299 6.01 14.72 9.74
N LEU B 300 7.22 14.31 10.10
CA LEU B 300 7.66 12.96 9.78
C LEU B 300 6.73 12.01 10.50
N MET B 301 6.46 12.33 11.76
CA MET B 301 5.60 11.50 12.59
C MET B 301 4.16 11.47 12.10
N ARG B 302 3.74 12.53 11.42
CA ARG B 302 2.39 12.53 10.84
C ARG B 302 2.28 11.60 9.63
N VAL B 303 3.35 11.50 8.85
CA VAL B 303 3.41 10.49 7.80
C VAL B 303 3.21 9.10 8.39
N GLY B 304 3.85 8.83 9.53
CA GLY B 304 3.80 7.50 10.11
C GLY B 304 2.43 7.27 10.71
N SER B 305 1.93 8.30 11.37
CA SER B 305 0.61 8.31 11.95
C SER B 305 -0.43 7.96 10.89
N GLU B 306 -0.39 8.69 9.78
CA GLU B 306 -1.39 8.46 8.75
C GLU B 306 -1.14 7.10 8.05
N ALA B 307 0.12 6.80 7.75
CA ALA B 307 0.41 5.50 7.11
C ALA B 307 0.18 4.30 8.02
N SER B 308 0.29 4.47 9.34
CA SER B 308 0.06 3.36 10.26
C SER B 308 -1.37 2.91 10.13
N MET B 309 -2.29 3.87 10.02
CA MET B 309 -3.67 3.53 9.78
C MET B 309 -3.88 2.93 8.39
N ALA B 310 -3.37 3.58 7.35
CA ALA B 310 -3.67 3.13 5.99
C ALA B 310 -3.07 1.77 5.67
N LEU B 311 -1.86 1.53 6.18
CA LEU B 311 -1.13 0.34 5.74
C LEU B 311 -0.99 -0.74 6.81
N LEU B 312 -1.38 -0.43 8.05
CA LEU B 312 -1.33 -1.39 9.14
C LEU B 312 0.02 -2.08 9.24
N PRO B 313 1.09 -1.31 9.38
CA PRO B 313 2.40 -1.94 9.47
C PRO B 313 2.70 -2.44 10.88
N LEU B 314 3.36 -3.59 10.99
CA LEU B 314 3.93 -4.03 12.26
C LEU B 314 5.11 -3.12 12.64
N THR B 315 5.95 -2.76 11.67
CA THR B 315 7.09 -1.89 11.99
C THR B 315 7.21 -0.69 11.08
N ILE B 316 7.75 0.39 11.64
CA ILE B 316 8.17 1.52 10.83
C ILE B 316 9.65 1.73 11.06
N VAL B 317 10.43 1.67 9.99
CA VAL B 317 11.89 1.79 10.07
C VAL B 317 12.34 3.03 9.34
N LEU B 318 13.07 3.90 10.04
CA LEU B 318 13.62 5.09 9.38
C LEU B 318 15.03 4.74 8.93
N VAL B 319 15.31 4.94 7.65
CA VAL B 319 16.58 4.54 7.04
C VAL B 319 17.28 5.71 6.36
N GLY B 320 18.60 5.62 6.19
CA GLY B 320 19.36 6.62 5.47
C GLY B 320 20.59 7.09 6.24
N ASP B 321 21.55 7.66 5.52
CA ASP B 321 22.74 8.23 6.15
C ASP B 321 22.33 9.33 7.12
N ASN B 322 21.28 10.05 6.74
CA ASN B 322 20.61 11.02 7.60
C ASN B 322 20.40 10.55 9.04
N ILE B 323 19.65 9.46 9.15
CA ILE B 323 19.18 8.95 10.43
C ILE B 323 20.32 8.46 11.28
N VAL B 324 21.37 7.99 10.63
CA VAL B 324 22.54 7.57 11.39
C VAL B 324 23.30 8.81 11.85
N ASN B 325 23.49 9.75 10.93
CA ASN B 325 24.22 10.98 11.24
C ASN B 325 23.55 11.83 12.32
N ASN B 326 22.23 11.88 12.28
CA ASN B 326 21.48 12.66 13.26
C ASN B 326 20.98 11.79 14.40
N ALA B 327 21.77 10.78 14.76
CA ALA B 327 21.43 9.88 15.85
C ALA B 327 21.26 10.59 17.19
N PHE B 328 22.00 11.68 17.37
CA PHE B 328 21.93 12.46 18.61
C PHE B 328 20.49 12.87 18.90
N PHE B 329 19.75 13.20 17.85
CA PHE B 329 18.41 13.73 18.02
C PHE B 329 17.50 12.65 18.59
N TYR B 330 17.68 11.42 18.12
CA TYR B 330 16.81 10.31 18.51
C TYR B 330 17.15 9.72 19.87
N ARG B 331 18.42 9.74 20.23
CA ARG B 331 18.86 9.20 21.53
C ARG B 331 18.35 10.07 22.70
N ASN B 332 18.20 11.36 22.44
CA ASN B 332 17.63 12.29 23.41
C ASN B 332 16.25 11.79 23.86
N PRO B 333 16.13 11.41 25.15
CA PRO B 333 14.85 10.84 25.60
C PRO B 333 13.70 11.84 25.51
N GLN B 334 14.04 13.12 25.40
CA GLN B 334 13.03 14.16 25.28
C GLN B 334 12.39 14.19 23.90
N ASN B 335 13.22 14.24 22.85
CA ASN B 335 12.71 14.26 21.48
C ASN B 335 11.96 12.99 21.12
N LEU B 336 12.33 11.90 21.77
CA LEU B 336 11.70 10.61 21.50
C LEU B 336 10.28 10.58 22.08
N LYS B 337 10.12 11.11 23.28
CA LYS B 337 8.82 11.19 23.94
C LYS B 337 7.88 12.07 23.12
N GLU B 338 8.44 13.10 22.48
CA GLU B 338 7.67 14.02 21.65
C GLU B 338 7.33 13.42 20.27
N MET B 339 8.26 12.68 19.70
CA MET B 339 8.01 12.00 18.45
C MET B 339 6.96 10.94 18.70
N HIS B 340 7.10 10.24 19.82
CA HIS B 340 6.10 9.25 20.21
C HIS B 340 4.71 9.87 20.36
N ARG B 341 4.64 11.05 20.96
CA ARG B 341 3.34 11.69 21.15
C ARG B 341 2.76 12.09 19.80
N GLU B 342 3.60 12.51 18.87
CA GLU B 342 3.07 12.86 17.55
C GLU B 342 2.64 11.64 16.71
N ALA B 343 3.38 10.54 16.84
CA ALA B 343 3.00 9.31 16.14
C ALA B 343 1.62 8.80 16.54
N LEU B 344 1.17 9.17 17.74
CA LEU B 344 -0.11 8.74 18.25
C LEU B 344 -1.17 9.85 18.12
N ASN B 345 -0.76 10.99 17.58
CA ASN B 345 -1.67 12.12 17.36
C ASN B 345 -2.56 11.83 16.16
N HIS B 346 -3.59 11.01 16.38
CA HIS B 346 -4.46 10.55 15.31
C HIS B 346 -5.75 10.11 15.92
N GLU B 347 -6.87 10.50 15.32
CA GLU B 347 -8.18 10.15 15.86
C GLU B 347 -8.32 8.65 16.06
N MET B 348 -7.72 7.90 15.14
CA MET B 348 -7.88 6.45 15.17
C MET B 348 -7.12 5.83 16.35
N GLU B 349 -6.26 6.62 17.00
CA GLU B 349 -5.52 6.13 18.18
C GLU B 349 -6.45 5.73 19.32
N ARG B 350 -7.67 6.26 19.33
CA ARG B 350 -8.64 5.88 20.36
C ARG B 350 -8.95 4.39 20.34
N PHE B 351 -8.52 3.71 19.28
CA PHE B 351 -8.65 2.26 19.15
C PHE B 351 -7.28 1.58 19.15
N GLY B 352 -6.22 2.34 19.43
CA GLY B 352 -4.89 1.78 19.55
C GLY B 352 -4.12 1.55 18.27
N PHE B 353 -4.73 1.84 17.12
CA PHE B 353 -4.04 1.68 15.85
C PHE B 353 -2.62 2.24 15.76
N GLN B 354 -2.41 3.49 16.18
CA GLN B 354 -1.08 4.07 16.01
C GLN B 354 -0.01 3.43 16.90
N SER B 355 -0.42 2.93 18.06
CA SER B 355 0.54 2.47 19.05
C SER B 355 0.76 0.98 18.89
N ARG B 356 0.05 0.36 17.94
CA ARG B 356 0.34 -1.00 17.50
C ARG B 356 1.78 -1.08 17.00
N VAL B 357 2.23 0.00 16.36
CA VAL B 357 3.40 -0.06 15.51
C VAL B 357 4.73 0.15 16.23
N THR B 358 5.70 -0.73 15.95
CA THR B 358 7.02 -0.58 16.53
C THR B 358 7.86 0.34 15.66
N TYR B 359 8.56 1.29 16.25
CA TYR B 359 9.35 2.23 15.45
C TYR B 359 10.84 1.97 15.65
N LEU B 360 11.55 1.76 14.54
CA LEU B 360 13.00 1.60 14.61
C LEU B 360 13.70 2.63 13.72
N ARG B 361 14.98 2.88 14.02
CA ARG B 361 15.82 3.75 13.21
C ARG B 361 17.13 3.02 12.87
N GLN B 362 17.67 3.33 11.70
CA GLN B 362 19.00 2.87 11.36
C GLN B 362 20.00 3.54 12.34
N LYS B 363 20.93 2.76 12.87
CA LYS B 363 21.90 3.29 13.84
C LYS B 363 23.34 3.13 13.35
N LYS B 364 23.52 2.37 12.27
CA LYS B 364 24.84 2.15 11.70
C LYS B 364 24.78 2.29 10.18
N LEU B 365 25.78 2.99 9.61
CA LEU B 365 25.83 3.17 8.16
C LEU B 365 25.78 1.83 7.41
N LEU B 366 25.10 1.83 6.27
CA LEU B 366 25.01 0.64 5.43
C LEU B 366 24.30 0.99 4.15
N ASN B 367 24.79 0.47 3.03
CA ASN B 367 24.10 0.71 1.78
C ASN B 367 23.00 -0.32 1.52
N LEU B 368 21.81 0.02 2.01
CA LEU B 368 20.61 -0.77 1.80
C LEU B 368 20.33 -0.97 0.32
N ASN B 369 20.31 0.10 -0.48
CA ASN B 369 20.03 -0.06 -1.90
C ASN B 369 20.93 -1.04 -2.65
N LEU B 370 22.24 -1.03 -2.39
CA LEU B 370 23.13 -1.94 -3.12
C LEU B 370 22.88 -3.38 -2.70
N MET B 371 22.80 -3.62 -1.40
CA MET B 371 22.35 -4.91 -0.88
C MET B 371 21.01 -5.31 -1.51
N GLY B 372 20.06 -4.35 -1.53
CA GLY B 372 18.76 -4.55 -2.14
C GLY B 372 18.80 -4.97 -3.59
N CYS B 373 19.60 -4.28 -4.41
CA CYS B 373 19.74 -4.66 -5.82
C CYS B 373 20.21 -6.10 -5.96
N TYR B 374 21.08 -6.49 -5.05
CA TYR B 374 21.66 -7.81 -5.12
C TYR B 374 20.61 -8.83 -4.74
N ARG B 375 19.82 -8.52 -3.70
CA ARG B 375 18.83 -9.50 -3.26
C ARG B 375 17.72 -9.66 -4.26
N CYS B 376 17.29 -8.55 -4.84
CA CYS B 376 16.33 -8.60 -5.95
C CYS B 376 16.88 -9.45 -7.11
N GLY B 377 18.12 -9.16 -7.50
CA GLY B 377 18.83 -9.97 -8.47
C GLY B 377 18.79 -11.47 -8.19
N LEU B 378 18.92 -11.86 -6.92
CA LEU B 378 18.90 -13.27 -6.55
C LEU B 378 17.53 -13.90 -6.77
N ASP B 379 16.47 -13.09 -6.67
CA ASP B 379 15.11 -13.56 -6.85
C ASP B 379 14.81 -13.72 -8.32
N LEU B 380 15.54 -12.95 -9.13
CA LEU B 380 15.42 -12.99 -10.59
C LEU B 380 16.22 -14.14 -11.19
N SER B 381 16.84 -14.92 -10.32
CA SER B 381 17.66 -16.05 -10.75
C SER B 381 17.34 -17.31 -9.90
C3 4UZ C . -12.78 -1.91 6.70
C2 4UZ C . -13.58 -1.22 7.80
C1 4UZ C . -14.58 -0.23 7.18
O5 4UZ C . -15.48 -1.01 6.39
C5 4UZ C . -14.81 -1.63 5.26
C4 4UZ C . -13.69 -2.58 5.74
N2 4UZ C . -12.63 -0.49 8.62
O4 4UZ C . -12.90 -3.02 4.60
O3 4UZ C . -11.90 -2.86 7.30
C6 4UZ C . -15.87 -2.37 4.44
O1 4UZ C . -15.32 0.40 8.15
O6 4UZ C . -16.69 -3.18 5.37
C13 4UZ C . -12.67 -0.46 9.97
O14 4UZ C . -11.60 0.29 10.45
O15 4UZ C . -13.40 -1.15 10.65
C16 4UZ C . -11.11 -0.18 11.74
C17 4UZ C . -11.97 0.42 12.80
C18 4UZ C . -12.02 -0.15 14.10
C19 4UZ C . -12.83 0.45 15.06
C20 4UZ C . -13.58 1.57 14.73
C21 4UZ C . -13.52 2.13 13.47
C22 4UZ C . -12.72 1.56 12.51
C3 4UZ D . 10.70 8.99 -4.69
C2 4UZ D . 10.77 10.44 -5.17
C1 4UZ D . 10.96 11.36 -3.96
O5 4UZ D . 12.22 11.02 -3.41
C5 4UZ D . 12.28 9.68 -2.87
C4 4UZ D . 11.94 8.66 -3.97
N2 4UZ D . 9.48 10.71 -5.76
O4 4UZ D . 11.78 7.32 -3.39
O3 4UZ D . 10.47 8.13 -5.82
C6 4UZ D . 13.69 9.48 -2.33
O1 4UZ D . 11.01 12.68 -4.38
O6 4UZ D . 14.61 9.65 -3.46
C13 4UZ D . 9.36 11.24 -6.98
O14 4UZ D . 8.03 11.40 -7.28
O15 4UZ D . 10.29 11.57 -7.68
C16 4UZ D . 7.77 11.74 -8.67
C17 4UZ D . 7.83 13.23 -8.76
C18 4UZ D . 8.03 13.86 -10.01
C19 4UZ D . 8.10 15.25 -10.05
C20 4UZ D . 7.96 15.97 -8.88
C21 4UZ D . 7.76 15.36 -7.65
C22 4UZ D . 7.70 13.99 -7.58
#